data_6LNT
#
_entry.id   6LNT
#
loop_
_entity.id
_entity.type
_entity.pdbx_description
1 polymer 'Envelope protein'
2 polymer 'pre-membrane protein'
3 polymer 'Fab DV62.5 heavy-chain variable region'
4 polymer 'Fab DV62.5 light-chain variable region'
5 polymer 'capsid protein'
#
loop_
_entity_poly.entity_id
_entity_poly.type
_entity_poly.pdbx_seq_one_letter_code
_entity_poly.pdbx_strand_id
1 'polypeptide(L)'
;IRCIGVSNRDFVEGMSGGTWVDVVLEHGGCVTVMAQDKPTVDIELVTTTVSNMAEVRSYCYEASISDMASDSRCPTQGEA
YLDKQSDTQYVCKRTLVDRGWGNGCGLFGKGSLVTCAKFACSKKMTGKSIQPENLEYRIMLSVHGSQHSGMIVNDTGHET
DENRAKVEITPNSPRAEATLGGFGSLGLDCEPRTGLDFSDLYYLTMNNKHWLVHKEWFHDIPLPWHAGADTGTPHWNNKE
ALVEFKDAHAKRQTVVVLGSQEGAVHTALAGALEAEMDGAKGRLSSGHLKCRLKMDKLRLKGVSYSLCTAAFTFTKIPAE
TLHGTVTVEVQYAGTDGPCKVPAQMAVDMQTLTPVGRLITANPVITESTENSKMMLELDPPFGDSYIVIGVGEKKITHHW
HRSGSTIGKAFEATVRGAKRMAVLGDTAWDFGSVGGALNSLGKGIHQIFGAAFKSLFGGMSWFSQILIGTLLMWLGLNTK
NGSISLMCLALGGVLIFLSTAVSA
;
A,B,C
2 'polypeptide(L)'
;RGSAYYMYLDRNDAGEAISFPTTLGMNKCYIQIMDLGHMCDATMSYECPMLDEGVEPDDVDCWCNTTSTWVVYGTCHHKK
GEARRSRRAVTLPSHSTRKLQTRSQTWLESREYTKHLIRVENWIFRNPGFALAAAAIAWLLGSSTSQKVIYLVMILLIAP
AYS
;
D,E,F
3 'polypeptide(L)'
;QVQLVQSGAEVKKPGASLKVSCKASGYTFTSYGLSWVRQAPGQGLEWMGWITPYNGNTKYTQKLQGRVTMTTDTSTSTVY
MELRSLRSDDTAVYYCARDSGTYAFYFDYWGQGTLVTVSS
;
H,P
4 'polypeptide(L)'
;SYELTQPLSVSVALGQTASITCGGNNIGSKNVHWYQQKPGQAPVLVIYKYVNRPSGIPERFSGSNSGNTATLTISRAQAG
DEADYYCQVWDSSTYVFGTGTKVTVL
;
L,Q
5 'polypeptide(L)'
;KKSGGFRIVNMLKRGVARVSPFGGLKRLPAGLLLGHGPIRMVLAILAFLRFTAIKPSLGLINRWGSVGKKEAMEIIKKFK
KDLAAMLRIINARKEKKRRGADTSVGIVGLLLTTAMA
;
M,N
#
# COMPACT_ATOMS: atom_id res chain seq x y z
CA ARG A 2 -27.31 -19.67 -4.71
CA CYS A 3 -26.32 -19.35 -8.37
CA ILE A 4 -23.10 -17.83 -7.07
CA GLY A 5 -21.65 -21.33 -6.99
CA VAL A 6 -22.24 -21.50 -10.72
CA SER A 7 -20.88 -19.30 -13.48
CA ASN A 8 -24.32 -17.73 -13.69
CA ARG A 9 -24.11 -15.02 -11.10
CA ASP A 10 -24.66 -11.53 -12.31
CA PHE A 11 -21.53 -9.59 -11.36
CA VAL A 12 -23.54 -6.42 -10.96
CA GLU A 13 -20.85 -3.88 -11.79
CA GLY A 14 -21.86 -1.87 -14.77
CA MET A 15 -22.32 1.78 -13.94
CA SER A 16 -23.42 2.59 -10.41
CA GLY A 17 -25.25 5.83 -10.19
CA GLY A 18 -25.06 6.53 -6.50
CA THR A 19 -28.79 6.71 -5.90
CA TRP A 20 -30.01 5.32 -9.07
CA VAL A 21 -29.36 2.07 -10.82
CA ASP A 22 -32.13 0.02 -12.34
CA VAL A 23 -31.16 -3.57 -13.09
CA VAL A 24 -32.38 -6.83 -14.57
CA LEU A 25 -34.01 -9.13 -12.05
CA GLU A 26 -35.82 -12.36 -12.73
CA HIS A 27 -36.67 -15.44 -10.69
CA GLY A 28 -33.78 -17.75 -11.48
CA GLY A 29 -31.40 -14.98 -12.47
CA CYS A 30 -29.26 -14.03 -9.51
CA VAL A 31 -27.62 -10.75 -8.43
CA THR A 32 -24.34 -11.17 -6.57
CA VAL A 33 -22.82 -7.77 -5.77
CA MET A 34 -19.35 -6.48 -6.43
CA ALA A 35 -20.47 -3.08 -7.50
CA GLN A 36 -18.11 -0.09 -6.76
CA ASP A 37 -16.23 -0.11 -3.46
CA LYS A 38 -17.80 -3.47 -2.99
CA PRO A 39 -19.64 -5.38 -0.37
CA THR A 40 -21.22 -8.37 -2.10
CA VAL A 41 -24.88 -9.41 -1.80
CA ASP A 42 -27.24 -11.59 -3.81
CA ILE A 43 -30.58 -9.96 -4.43
CA GLU A 44 -32.44 -13.21 -4.85
CA LEU A 45 -35.91 -13.89 -5.58
CA VAL A 46 -37.61 -16.85 -4.05
CA THR A 47 -41.26 -16.90 -4.22
CA THR A 48 -44.29 -15.50 -5.99
CA THR A 49 -47.53 -15.72 -4.05
CA VAL A 50 -50.36 -13.47 -5.16
CA SER A 51 -51.09 -12.38 -1.58
CA ASN A 52 -54.92 -12.31 -1.19
CA MET A 53 -56.39 -12.38 -4.67
CA ALA A 54 -60.06 -12.06 -5.41
CA GLU A 55 -61.70 -14.93 -7.24
CA VAL A 56 -64.70 -15.48 -9.53
CA ARG A 57 -66.06 -19.03 -8.92
CA SER A 58 -67.40 -21.43 -6.44
CA TYR A 59 -67.91 -24.72 -8.11
CA CYS A 60 -69.60 -27.81 -6.96
CA TYR A 61 -68.31 -31.29 -7.71
CA GLU A 62 -70.40 -33.14 -5.15
CA ALA A 63 -73.98 -33.65 -4.00
CA SER A 64 -76.05 -34.64 -1.06
CA ILE A 65 -79.48 -34.07 -2.60
CA SER A 66 -82.51 -33.83 -0.34
CA ASP A 67 -86.24 -34.07 -0.10
CA MET A 68 -86.88 -33.88 -3.79
CA ALA A 69 -90.64 -33.32 -3.60
CA SER A 70 -92.67 -34.23 -6.66
CA ASP A 71 -96.38 -33.41 -6.92
CA SER A 72 -98.08 -35.78 -9.32
CA ARG A 73 -100.92 -34.05 -11.06
CA CYS A 74 -103.20 -35.80 -13.43
CA PRO A 75 -103.01 -34.21 -16.95
CA THR A 76 -104.62 -30.73 -17.07
CA GLN A 77 -105.98 -31.43 -13.56
CA GLY A 78 -103.32 -29.06 -12.26
CA GLU A 79 -99.81 -27.99 -13.07
CA ALA A 80 -98.41 -29.65 -9.93
CA TYR A 81 -97.96 -26.28 -8.18
CA LEU A 82 -95.21 -27.40 -5.85
CA ASP A 83 -94.02 -24.79 -3.38
CA LYS A 84 -90.46 -26.12 -3.09
CA GLN A 85 -89.66 -24.65 -6.51
CA SER A 86 -89.09 -21.24 -5.03
CA ASP A 87 -85.51 -21.00 -3.78
CA THR A 88 -82.29 -21.38 -5.71
CA GLN A 89 -81.28 -24.11 -3.26
CA TYR A 90 -84.72 -25.41 -4.18
CA VAL A 91 -83.16 -26.72 -7.37
CA CYS A 92 -86.22 -27.08 -9.39
CA LYS A 93 -88.18 -28.47 -12.31
CA ARG A 94 -91.73 -29.01 -13.28
CA THR A 95 -92.41 -32.06 -15.37
CA LEU A 96 -95.19 -33.77 -17.31
CA VAL A 97 -95.26 -37.52 -17.87
CA ASP A 98 -97.92 -40.03 -18.92
CA ARG A 99 -100.57 -40.94 -16.36
CA GLY A 100 -104.14 -41.60 -17.43
CA TRP A 101 -107.65 -42.59 -16.58
CA GLY A 102 -106.89 -46.15 -15.76
CA ASN A 103 -103.71 -45.08 -13.92
CA GLY A 104 -104.70 -42.46 -11.37
CA CYS A 105 -106.60 -39.79 -13.09
CA GLY A 106 -110.03 -39.71 -14.60
CA LEU A 107 -108.41 -37.71 -17.41
CA PHE A 108 -105.52 -38.24 -19.86
CA GLY A 109 -102.95 -36.07 -21.67
CA LYS A 110 -99.27 -35.88 -20.93
CA GLY A 111 -99.42 -35.01 -17.26
CA SER A 112 -97.90 -32.62 -14.80
CA LEU A 113 -95.15 -33.42 -12.33
CA VAL A 114 -92.63 -31.27 -10.56
CA THR A 115 -89.68 -33.48 -9.48
CA CYS A 116 -87.75 -30.82 -7.52
CA ALA A 117 -84.78 -31.18 -5.22
CA LYS A 118 -83.16 -29.47 -2.30
CA PHE A 119 -79.53 -29.40 -3.19
CA ALA A 120 -77.30 -29.49 -0.06
CA CYS A 121 -73.78 -29.85 -1.55
CA SER A 122 -70.89 -31.62 0.23
CA LYS A 123 -67.45 -30.59 -1.12
CA LYS A 124 -65.93 -27.78 -3.20
CA MET A 125 -62.70 -26.99 -5.09
CA THR A 126 -61.94 -23.26 -4.98
CA GLY A 127 -60.62 -21.78 -8.25
CA LYS A 128 -58.67 -18.57 -7.42
CA SER A 129 -58.42 -15.61 -9.82
CA ILE A 130 -55.32 -13.39 -9.68
CA GLN A 131 -55.80 -9.57 -9.65
CA PRO A 132 -52.28 -8.96 -10.99
CA GLU A 133 -51.31 -6.09 -8.65
CA ASN A 134 -51.41 -7.59 -5.13
CA LEU A 135 -48.73 -10.24 -5.83
CA GLU A 136 -46.01 -9.42 -3.27
CA TYR A 137 -43.09 -10.91 -5.13
CA ARG A 138 -40.65 -11.94 -2.50
CA ILE A 139 -37.12 -10.69 -2.87
CA MET A 140 -34.14 -11.53 -0.64
CA LEU A 141 -31.03 -9.44 -0.12
CA SER A 142 -28.18 -11.72 0.86
CA VAL A 143 -24.92 -11.05 2.65
CA HIS A 144 -21.92 -12.32 0.75
CA GLY A 145 -18.51 -11.33 2.05
CA SER A 146 -17.09 -12.43 5.41
CA GLN A 147 -19.08 -15.64 6.07
CA HIS A 148 -18.69 -16.94 9.52
CA SER A 149 -22.16 -17.91 8.37
CA GLY A 150 -20.56 -19.72 5.47
CA MET A 151 -18.24 -21.24 8.02
CA ILE A 152 -21.43 -22.96 9.15
CA VAL A 153 -23.92 -22.73 6.26
CA ASN A 154 -24.61 -20.27 3.45
CA ASP A 155 -27.85 -21.05 1.59
CA THR A 156 -30.02 -21.22 4.68
CA GLY A 157 -31.77 -17.98 5.31
CA HIS A 158 -29.06 -16.04 7.26
CA GLU A 159 -30.47 -17.45 10.52
CA THR A 160 -33.49 -19.43 11.26
CA ASP A 161 -35.16 -16.30 12.70
CA GLU A 162 -34.12 -13.63 10.18
CA ASN A 163 -34.74 -16.04 7.29
CA ARG A 164 -32.51 -14.16 4.86
CA ALA A 165 -33.25 -10.46 5.62
CA LYS A 166 -35.48 -9.29 2.85
CA VAL A 167 -38.35 -7.27 1.43
CA GLU A 168 -41.38 -8.07 -0.71
CA ILE A 169 -42.58 -6.09 -3.71
CA THR A 170 -45.90 -6.31 -5.56
CA PRO A 171 -46.32 -4.70 -9.02
CA ASN A 172 -47.75 -1.70 -7.17
CA SER A 173 -43.96 -1.30 -6.76
CA PRO A 174 -43.28 0.06 -3.31
CA ARG A 175 -40.02 1.89 -2.82
CA ALA A 176 -38.24 0.24 0.11
CA GLU A 177 -34.86 0.97 1.67
CA ALA A 178 -32.83 -2.29 1.96
CA THR A 179 -30.04 -1.96 4.55
CA LEU A 180 -26.56 -3.43 4.13
CA GLY A 181 -24.08 -4.13 6.91
CA GLY A 182 -22.13 -1.41 8.68
CA PHE A 183 -22.47 0.80 5.62
CA GLY A 184 -26.07 1.88 5.74
CA SER A 185 -28.93 1.38 3.37
CA LEU A 186 -29.75 1.61 -0.23
CA GLY A 187 -33.24 2.41 -1.33
CA LEU A 188 -35.27 0.91 -4.12
CA ASP A 189 -38.34 1.17 -6.29
CA CYS A 190 -39.17 -1.77 -8.50
CA GLU A 191 -40.50 -1.64 -12.03
CA PRO A 192 -41.83 -4.35 -14.37
CA ARG A 193 -39.00 -6.23 -16.00
CA THR A 194 -39.88 -8.94 -18.59
CA GLY A 195 -41.44 -11.72 -16.52
CA LEU A 196 -44.84 -13.40 -15.88
CA ASP A 197 -47.16 -12.16 -18.62
CA PHE A 198 -50.65 -11.88 -17.20
CA SER A 199 -53.39 -13.98 -18.77
CA ASP A 200 -55.14 -14.61 -15.40
CA LEU A 201 -54.62 -18.30 -14.65
CA TYR A 202 -57.07 -19.85 -12.19
CA TYR A 203 -56.05 -22.34 -9.49
CA LEU A 204 -58.31 -25.14 -8.18
CA THR A 205 -57.45 -26.25 -4.69
CA MET A 206 -58.80 -29.62 -3.57
CA ASN A 207 -56.39 -29.66 -0.61
CA ASN A 208 -53.94 -27.13 -2.04
CA LYS A 209 -53.47 -28.93 -5.37
CA HIS A 210 -53.29 -25.87 -7.57
CA TRP A 211 -52.65 -25.69 -11.28
CA LEU A 212 -52.99 -23.01 -13.92
CA VAL A 213 -56.03 -22.77 -16.22
CA HIS A 214 -56.87 -19.86 -18.50
CA LYS A 215 -59.50 -17.35 -17.43
CA GLU A 216 -61.94 -18.05 -20.27
CA TRP A 217 -60.96 -21.69 -20.10
CA PHE A 218 -61.53 -21.87 -16.36
CA HIS A 219 -64.79 -20.00 -16.11
CA ASP A 220 -65.93 -21.73 -19.28
CA ILE A 221 -65.51 -25.04 -17.48
CA PRO A 222 -69.13 -26.24 -17.85
CA LEU A 223 -69.57 -26.52 -14.09
CA PRO A 224 -71.66 -24.57 -11.57
CA TRP A 225 -70.17 -21.30 -10.39
CA HIS A 226 -71.06 -19.52 -7.20
CA ALA A 227 -68.80 -16.51 -7.74
CA GLY A 228 -66.12 -15.85 -5.16
CA ALA A 229 -67.77 -13.30 -2.94
CA ASP A 230 -71.22 -14.87 -2.65
CA THR A 231 -70.37 -18.09 -0.67
CA GLY A 232 -73.51 -18.37 1.45
CA THR A 233 -73.88 -20.82 -1.27
CA PRO A 234 -77.33 -21.66 -2.67
CA HIS A 235 -76.96 -20.82 -6.34
CA TRP A 236 -74.06 -22.26 -8.39
CA ASN A 237 -74.41 -20.45 -11.81
CA ASN A 238 -74.17 -23.43 -14.15
CA LYS A 239 -76.22 -25.97 -12.25
CA GLU A 240 -77.48 -29.12 -13.93
CA ALA A 241 -74.35 -30.83 -15.22
CA LEU A 242 -73.22 -32.19 -11.83
CA VAL A 243 -76.39 -34.21 -11.10
CA GLU A 244 -78.09 -36.17 -13.86
CA PHE A 245 -81.80 -35.94 -13.17
CA LYS A 246 -84.09 -38.50 -14.79
CA ASP A 247 -87.60 -39.79 -14.08
CA ALA A 248 -88.72 -43.38 -13.87
CA HIS A 249 -92.41 -43.32 -14.96
CA ALA A 250 -95.61 -41.37 -14.13
CA LYS A 251 -94.09 -40.20 -10.81
CA ARG A 252 -91.06 -41.07 -8.72
CA GLN A 253 -88.17 -39.41 -10.55
CA THR A 254 -84.72 -40.96 -10.73
CA VAL A 255 -82.38 -38.14 -9.90
CA VAL A 256 -79.49 -40.53 -10.18
CA VAL A 257 -76.73 -38.80 -8.39
CA LEU A 258 -73.12 -38.52 -9.48
CA GLY A 259 -70.23 -39.43 -7.21
CA SER A 260 -67.07 -37.66 -6.09
CA GLN A 261 -65.35 -38.18 -9.45
CA GLU A 262 -62.76 -35.46 -8.92
CA GLY A 263 -60.16 -38.15 -9.44
CA ALA A 264 -61.36 -38.11 -13.03
CA VAL A 265 -61.13 -34.35 -12.82
CA HIS A 266 -57.57 -34.53 -11.41
CA THR A 267 -56.46 -36.91 -14.14
CA ALA A 268 -58.19 -34.88 -16.83
CA LEU A 269 -56.67 -31.87 -15.13
CA ALA A 270 -53.34 -33.61 -14.99
CA GLY A 271 -53.11 -31.86 -18.35
CA ALA A 272 -53.02 -28.74 -16.16
CA LEU A 273 -49.66 -27.97 -14.57
CA GLU A 274 -50.09 -28.97 -10.93
CA ALA A 275 -48.91 -25.49 -9.94
CA GLU A 276 -49.79 -26.19 -6.30
CA MET A 277 -50.47 -23.91 -3.33
CA ASP A 278 -46.91 -23.31 -2.22
CA GLY A 279 -46.98 -20.50 0.36
CA ALA A 280 -49.39 -20.18 3.26
CA LYS A 281 -50.61 -17.08 1.50
CA GLY A 282 -50.78 -19.24 -1.60
CA ARG A 283 -48.05 -20.02 -4.02
CA LEU A 284 -44.76 -19.75 -5.90
CA SER A 285 -43.98 -18.61 -9.45
CA SER A 286 -41.26 -17.07 -11.53
CA GLY A 287 -41.32 -13.32 -11.99
CA HIS A 288 -39.55 -10.07 -12.92
CA LEU A 289 -38.44 -6.76 -11.46
CA LYS A 290 -36.37 -3.76 -12.70
CA CYS A 291 -35.62 -1.85 -9.46
CA ARG A 292 -33.93 1.57 -9.53
CA LEU A 293 -31.64 1.23 -6.55
CA LYS A 294 -29.36 3.44 -4.47
CA MET A 295 -25.62 3.04 -4.07
CA ASP A 296 -24.23 5.91 -1.97
CA LYS A 297 -24.38 3.98 1.29
CA LEU A 298 -21.95 1.52 -0.26
CA ARG A 299 -18.82 2.00 1.78
CA LEU A 300 -15.82 -0.29 1.79
CA LYS A 301 -15.08 -2.62 4.67
CA GLY A 302 -11.57 -1.34 5.08
CA VAL A 303 -9.10 1.33 6.04
CA SER A 304 -10.08 1.55 9.72
CA TYR A 305 -8.83 -2.04 9.50
CA SER A 306 -5.05 -1.68 9.34
CA LEU A 307 -3.01 -4.71 8.34
CA CYS A 308 -2.36 -7.52 10.81
CA THR A 309 0.73 -9.44 12.07
CA ALA A 310 1.41 -12.95 10.57
CA ALA A 311 1.06 -15.07 7.48
CA PHE A 312 -2.18 -16.94 6.82
CA THR A 313 -3.30 -20.04 5.29
CA PHE A 314 -4.81 -22.00 2.43
CA THR A 315 -6.35 -23.93 5.33
CA LYS A 316 -8.49 -26.50 3.59
CA ILE A 317 -8.95 -26.43 -0.16
CA PRO A 318 -8.98 -24.05 -3.11
CA ALA A 319 -12.43 -24.91 -4.54
CA GLU A 320 -12.20 -23.00 -7.79
CA THR A 321 -15.91 -22.64 -8.16
CA LEU A 322 -17.23 -22.31 -11.72
CA HIS A 323 -16.47 -18.84 -13.01
CA GLY A 324 -12.80 -18.40 -12.32
CA THR A 325 -13.94 -17.87 -8.71
CA VAL A 326 -12.09 -19.72 -5.95
CA THR A 327 -13.45 -20.04 -2.45
CA VAL A 328 -10.26 -20.73 -0.51
CA GLU A 329 -10.85 -21.55 3.12
CA VAL A 330 -8.62 -19.22 5.11
CA GLN A 331 -7.49 -19.44 8.70
CA TYR A 332 -6.36 -15.92 9.44
CA ALA A 333 -3.28 -17.06 11.29
CA GLY A 334 -2.58 -13.78 13.01
CA THR A 335 -4.05 -12.10 16.02
CA ASP A 336 -5.37 -8.59 16.78
CA GLY A 337 -7.53 -7.55 13.99
CA PRO A 338 -9.31 -4.92 13.29
CA CYS A 339 -7.14 -5.38 10.18
CA LYS A 340 -6.63 -5.16 6.41
CA VAL A 341 -5.08 -8.04 4.42
CA PRO A 342 -4.31 -9.68 1.88
CA ALA A 343 -1.84 -7.99 -0.20
CA GLN A 344 -2.92 -9.73 -3.38
CA MET A 345 -0.18 -8.85 -5.88
CA ALA A 346 -0.71 -12.32 -7.34
CA VAL A 347 2.89 -13.31 -8.08
CA ASP A 348 4.34 -16.15 -10.01
CA MET A 349 7.92 -17.22 -9.54
CA GLN A 350 8.85 -13.90 -11.22
CA THR A 351 6.53 -11.61 -9.18
CA LEU A 352 3.40 -11.31 -11.38
CA THR A 353 0.21 -9.31 -11.13
CA PRO A 354 -2.96 -9.15 -8.96
CA VAL A 355 -5.23 -10.07 -11.84
CA GLY A 356 -8.25 -11.17 -9.71
CA ARG A 357 -10.49 -9.16 -7.43
CA LEU A 358 -11.74 -8.67 -3.85
CA ILE A 359 -14.44 -11.21 -2.72
CA THR A 360 -14.74 -11.85 0.68
CA ALA A 361 -15.68 -8.38 0.18
CA ASN A 362 -12.42 -6.70 1.06
CA PRO A 363 -8.86 -7.51 1.64
CA VAL A 364 -9.60 -7.13 5.26
CA ILE A 365 -9.67 -9.61 8.08
CA THR A 366 -12.22 -7.57 10.19
CA GLU A 367 -11.00 -9.47 13.25
CA SER A 368 -8.05 -11.75 13.80
CA THR A 369 -8.30 -11.98 17.59
CA GLU A 370 -8.89 -15.55 18.80
CA ASN A 371 -6.83 -16.41 15.67
CA SER A 372 -9.85 -16.10 13.42
CA LYS A 373 -10.86 -17.93 10.23
CA MET A 374 -13.27 -17.59 7.28
CA MET A 375 -13.30 -18.47 3.64
CA LEU A 376 -12.35 -16.08 0.95
CA GLU A 377 -14.79 -16.73 -1.94
CA LEU A 378 -12.40 -15.01 -4.29
CA ASP A 379 -12.71 -14.55 -8.01
CA PRO A 380 -9.55 -14.80 -10.04
CA PRO A 381 -9.64 -15.00 -13.79
CA PHE A 382 -8.72 -18.20 -15.57
CA GLY A 383 -5.17 -19.54 -15.99
CA ASP A 384 -2.33 -19.95 -13.53
CA SER A 385 -0.28 -17.93 -11.12
CA TYR A 386 0.09 -17.89 -7.36
CA ILE A 387 -2.01 -16.33 -4.60
CA VAL A 388 -0.07 -14.16 -2.18
CA ILE A 389 -1.86 -14.67 1.14
CA GLY A 390 -0.39 -13.50 4.45
CA VAL A 391 -1.87 -11.89 7.59
CA GLY A 392 0.84 -9.27 7.78
CA GLU A 393 3.39 -10.72 5.38
CA LYS A 394 5.11 -14.12 4.64
CA LYS A 395 2.73 -14.70 1.80
CA ILE A 396 1.88 -18.41 1.78
CA THR A 397 1.96 -18.37 -1.97
CA HIS A 398 0.04 -21.26 -3.45
CA HIS A 399 -1.07 -21.37 -7.04
CA TRP A 400 -4.64 -21.33 -8.14
CA HIS A 401 -4.24 -22.66 -11.72
CA ARG A 402 -7.72 -21.87 -13.00
CA SER A 403 -7.52 -24.19 -16.00
CA GLY A 404 -5.83 -22.00 -18.61
CA SER A 405 -6.69 -18.39 -19.32
CA THR A 406 -10.15 -18.63 -20.89
CA ILE A 407 -10.45 -15.01 -21.96
CA GLY A 408 -10.56 -15.98 -25.61
CA LYS A 409 -14.14 -17.05 -25.06
CA ALA A 410 -14.95 -14.81 -22.12
CA PHE A 411 -15.17 -11.74 -24.31
CA GLU A 412 -17.77 -13.50 -26.47
CA ALA A 413 -19.45 -14.29 -23.15
CA THR A 414 -19.37 -10.61 -22.18
CA VAL A 415 -20.65 -9.33 -25.53
CA ARG A 416 -23.38 -11.89 -24.90
CA GLY A 417 -23.78 -10.72 -21.26
CA ALA A 418 -24.32 -7.04 -21.83
CA LYS A 419 -26.61 -7.89 -24.75
CA ARG A 420 -28.95 -10.38 -23.09
CA MET A 421 -29.02 -8.07 -20.09
CA ALA A 422 -31.77 -6.56 -22.27
CA VAL A 423 -32.19 -2.91 -21.28
CA LEU A 424 -35.15 -2.71 -23.71
CA GLY A 425 -37.72 -2.59 -20.94
CA ASP A 426 -36.76 0.96 -20.04
CA THR A 427 -34.73 2.09 -23.10
CA ALA A 428 -34.29 5.44 -21.36
CA TRP A 429 -30.81 5.16 -19.88
CA ASP A 430 -30.36 8.76 -20.99
CA PHE A 431 -34.14 9.41 -20.60
CA GLY A 432 -34.73 12.14 -23.13
CA SER A 433 -33.10 15.46 -23.88
CA VAL A 434 -30.90 15.90 -20.84
CA GLY A 435 -29.07 12.63 -21.40
CA GLY A 436 -26.60 12.79 -18.52
CA ALA A 437 -25.07 9.37 -19.31
CA LEU A 438 -25.84 7.32 -22.43
CA ASN A 439 -24.14 4.15 -23.34
CA SER A 440 -25.24 1.50 -20.83
CA LEU A 441 -24.52 -1.99 -22.21
CA GLY A 442 -22.44 -0.56 -25.04
CA LYS A 443 -20.56 1.58 -22.55
CA GLY A 444 -19.90 -1.50 -20.43
CA ILE A 445 -18.54 -3.34 -23.45
CA HIS A 446 -16.29 -0.38 -24.19
CA GLN A 447 -15.09 -0.45 -20.59
CA ILE A 448 -14.30 -4.16 -20.83
CA PHE A 449 -12.36 -3.50 -24.01
CA GLY A 450 -10.45 -0.74 -22.23
CA ALA A 451 -9.66 -3.10 -19.38
CA ALA A 452 -8.31 -5.66 -21.84
CA PHE A 453 -6.30 -2.85 -23.43
CA LYS A 454 -4.83 -1.82 -20.08
CA SER A 455 -2.40 -4.73 -19.83
CA LEU A 456 -1.68 -4.76 -23.57
CA PHE A 457 -1.33 -0.99 -24.07
CA GLY A 458 1.02 1.06 -21.96
CA GLY A 459 3.20 4.07 -21.32
CA MET A 460 0.33 5.14 -19.11
CA SER A 461 -2.35 2.68 -18.02
CA TRP A 462 -5.47 4.80 -18.55
CA PHE A 463 -3.23 7.20 -20.54
CA SER A 464 -2.88 4.37 -23.06
CA GLN A 465 -6.64 4.61 -23.67
CA ILE A 466 -6.28 8.36 -23.96
CA LEU A 467 -3.51 7.80 -26.53
CA ILE A 468 -5.70 5.45 -28.57
CA GLY A 469 -8.35 8.16 -28.57
CA THR A 470 -5.68 10.61 -29.71
CA LEU A 471 -4.70 8.28 -32.57
CA LEU A 472 -8.35 8.15 -33.59
CA MET A 473 -8.46 11.98 -33.61
CA TRP A 474 -5.19 11.82 -35.56
CA LEU A 475 -6.79 9.82 -38.37
CA GLY A 476 -8.85 12.99 -38.74
CA LEU A 477 -11.87 13.04 -40.97
CA ASN A 478 -10.10 9.93 -42.23
CA THR A 479 -9.23 9.89 -45.85
CA LYS A 480 -7.84 6.38 -46.08
CA ASN A 481 -11.26 4.62 -45.75
CA GLY A 482 -14.21 6.96 -45.17
CA SER A 483 -15.97 3.99 -43.56
CA ILE A 484 -13.28 4.32 -40.90
CA SER A 485 -13.72 8.08 -41.01
CA LEU A 486 -17.25 8.10 -39.64
CA MET A 487 -16.83 4.72 -38.05
CA CYS A 488 -13.44 5.68 -36.70
CA LEU A 489 -14.82 8.86 -35.20
CA ALA A 490 -17.70 6.98 -33.60
CA LEU A 491 -15.37 4.36 -32.20
CA GLY A 492 -13.11 6.98 -30.70
CA GLY A 493 -16.04 8.73 -29.08
CA VAL A 494 -17.38 5.48 -27.71
CA LEU A 495 -14.00 4.54 -26.29
CA ILE A 496 -13.65 7.89 -24.58
CA PHE A 497 -17.10 7.63 -23.07
CA LEU A 498 -16.42 4.11 -21.87
CA SER A 499 -13.17 5.15 -20.27
CA THR A 500 -14.82 8.06 -18.51
CA ALA A 501 -17.55 5.76 -17.24
CA VAL A 502 -15.20 3.01 -16.04
CA SER A 503 -12.04 4.70 -14.79
CA ALA A 504 -11.47 8.48 -15.21
CA ARG B 2 16.42 27.92 16.78
CA CYS B 3 15.71 29.37 13.35
CA ILE B 4 15.59 26.10 11.67
CA GLY B 5 12.33 25.73 13.53
CA VAL B 6 11.76 29.24 12.22
CA SER B 7 11.71 29.86 8.44
CA ASN B 8 14.81 32.01 8.96
CA ARG B 9 17.80 29.71 8.53
CA ASP B 10 21.10 29.41 6.74
CA PHE B 11 21.77 25.69 6.44
CA VAL B 12 25.49 26.19 5.95
CA GLU B 13 27.18 23.99 3.45
CA GLY B 14 29.44 26.20 1.35
CA MET B 15 33.19 26.08 0.76
CA SER B 16 33.72 23.00 2.83
CA GLY B 17 36.92 21.47 3.90
CA GLY B 18 37.18 20.48 7.48
CA THR B 19 40.00 22.22 9.32
CA TRP B 20 39.62 25.55 7.56
CA VAL B 21 36.27 26.84 6.62
CA ASP B 22 35.10 30.43 6.71
CA VAL B 23 31.43 31.08 7.46
CA VAL B 24 29.15 34.10 7.83
CA LEU B 25 27.29 35.01 11.05
CA GLU B 26 24.67 37.61 11.84
CA HIS B 27 22.11 38.83 14.32
CA GLY B 28 18.57 37.91 13.29
CA GLY B 29 19.00 34.63 11.46
CA CYS B 30 20.72 31.38 12.42
CA VAL B 31 23.30 29.18 10.75
CA THR B 32 22.94 25.42 10.44
CA VAL B 33 25.72 22.75 10.15
CA MET B 34 25.81 19.32 8.39
CA ALA B 35 28.69 19.65 6.03
CA GLN B 36 31.07 16.65 5.75
CA ASP B 37 30.95 14.05 8.25
CA LYS B 38 28.37 15.96 9.85
CA PRO B 39 26.46 16.14 13.18
CA THR B 40 24.97 19.63 13.12
CA VAL B 41 25.10 22.48 15.55
CA ASP B 42 22.77 25.39 15.23
CA ILE B 43 25.04 28.42 15.55
CA GLU B 44 22.70 31.27 16.46
CA LEU B 45 22.92 35.01 16.82
CA VAL B 46 21.76 35.77 20.31
CA THR B 47 23.49 38.36 22.26
CA THR B 48 25.61 41.53 22.02
CA THR B 49 26.14 42.72 25.61
CA VAL B 50 28.55 45.21 27.17
CA SER B 51 31.82 44.14 28.87
CA ASN B 52 32.78 47.64 30.12
CA MET B 53 31.68 50.33 27.74
CA ALA B 54 33.50 53.62 28.46
CA GLU B 55 32.29 56.90 29.98
CA VAL B 56 32.72 60.59 29.23
CA ARG B 57 29.95 62.15 31.36
CA SER B 58 28.27 62.72 34.58
CA TYR B 59 25.42 65.17 34.99
CA CYS B 60 22.76 66.49 37.23
CA TYR B 61 18.99 66.30 37.67
CA GLU B 62 18.99 67.48 41.27
CA ALA B 63 20.42 70.05 43.74
CA SER B 64 21.18 70.70 47.38
CA ILE B 65 22.46 74.25 47.00
CA SER B 66 24.21 75.36 50.14
CA ASP B 67 26.22 78.03 52.02
CA MET B 68 24.60 80.62 49.71
CA ALA B 69 26.73 83.58 50.73
CA SER B 70 26.69 87.08 49.24
CA ASP B 71 29.38 89.59 50.19
CA SER B 72 27.62 92.78 49.19
CA ARG B 73 30.06 95.60 49.75
CA CYS B 74 30.29 99.32 49.03
CA PRO B 75 30.21 100.48 45.38
CA THR B 76 33.52 101.93 44.14
CA GLN B 77 35.28 100.60 47.22
CA GLY B 78 36.28 97.03 46.46
CA GLU B 79 35.39 93.69 44.95
CA ALA B 80 34.66 92.10 48.37
CA TYR B 81 37.08 89.13 47.84
CA LEU B 82 35.57 86.21 49.75
CA ASP B 83 38.03 83.39 49.45
CA LYS B 84 35.88 80.34 48.73
CA GLN B 85 35.78 81.03 44.98
CA SER B 86 38.83 78.81 44.49
CA ASP B 87 36.69 75.86 45.61
CA THR B 88 35.06 74.08 42.68
CA GLN B 89 32.59 72.91 45.33
CA TYR B 90 31.92 76.51 46.39
CA VAL B 91 30.85 77.63 42.93
CA CYS B 92 30.81 81.36 42.76
CA LYS B 93 30.40 84.64 40.89
CA ARG B 94 31.88 88.15 41.27
CA THR B 95 29.74 91.14 40.41
CA LEU B 96 29.75 94.92 40.76
CA VAL B 97 26.09 96.00 40.79
CA ASP B 98 25.01 99.52 41.79
CA ARG B 99 23.88 100.68 45.24
CA GLY B 100 23.30 104.32 46.18
CA TRP B 101 24.85 106.67 48.71
CA GLY B 102 23.91 104.84 51.84
CA ASN B 103 21.34 102.41 50.47
CA GLY B 104 22.64 99.16 51.90
CA CYS B 105 26.42 99.05 52.07
CA GLY B 106 26.91 102.75 51.93
CA LEU B 107 29.03 104.07 49.10
CA PHE B 108 27.80 104.67 45.54
CA GLY B 109 29.20 103.81 42.12
CA LYS B 110 30.35 100.48 40.71
CA GLY B 111 29.32 97.72 43.12
CA SER B 112 31.04 94.91 45.06
CA LEU B 113 29.85 91.28 45.21
CA VAL B 114 31.40 87.81 45.53
CA THR B 115 28.53 85.41 46.45
CA CYS B 116 30.16 82.05 47.26
CA ALA B 117 27.98 78.92 47.52
CA LYS B 118 28.79 75.23 47.72
CA PHE B 119 26.80 73.27 45.18
CA ALA B 120 26.60 69.69 46.55
CA CYS B 121 24.10 67.90 44.29
CA SER B 122 22.71 64.47 45.13
CA LYS B 123 22.11 62.08 42.19
CA LYS B 124 23.91 61.62 38.77
CA MET B 125 23.32 60.76 35.09
CA THR B 126 25.73 58.09 33.65
CA GLY B 127 25.47 58.05 29.83
CA LYS B 128 28.31 55.63 28.98
CA SER B 129 30.30 55.80 25.67
CA ILE B 130 31.14 52.65 23.80
CA GLN B 131 34.98 52.25 23.48
CA PRO B 132 35.20 50.28 20.18
CA GLU B 133 37.41 47.38 21.34
CA ASN B 134 35.15 45.56 23.82
CA LEU B 135 31.72 45.56 22.10
CA GLU B 136 31.21 42.07 23.54
CA TYR B 137 29.40 39.62 21.41
CA ARG B 138 27.87 36.59 22.97
CA ILE B 139 27.36 34.47 19.91
CA MET B 140 25.69 31.24 20.71
CA LEU B 141 25.71 27.78 19.19
CA SER B 142 23.48 25.04 20.45
CA VAL B 143 23.19 21.61 18.64
CA HIS B 144 20.77 19.94 16.32
CA GLY B 145 20.69 16.27 15.50
CA SER B 146 19.88 13.65 18.14
CA GLN B 147 17.79 15.76 20.56
CA HIS B 148 17.21 13.59 23.58
CA SER B 149 16.57 17.07 24.90
CA GLY B 150 13.99 17.06 22.13
CA MET B 151 12.13 14.57 24.34
CA ILE B 152 10.69 17.81 25.62
CA VAL B 153 11.47 20.21 22.76
CA ASN B 154 14.38 20.56 20.33
CA ASP B 155 14.88 24.30 20.97
CA THR B 156 16.22 24.81 24.50
CA GLY B 157 19.84 25.73 25.16
CA HIS B 158 21.05 22.04 24.86
CA GLU B 159 19.68 21.52 28.40
CA THR B 160 17.50 23.45 30.81
CA ASP B 161 19.97 23.35 33.70
CA GLU B 162 23.28 24.17 32.01
CA ASN B 163 21.93 26.24 29.13
CA ARG B 164 24.57 25.13 26.57
CA ALA B 165 28.14 25.63 27.83
CA LYS B 166 28.98 28.00 25.04
CA VAL B 167 31.64 30.19 23.43
CA GLU B 168 31.47 34.00 23.76
CA ILE B 169 33.03 36.43 21.29
CA THR B 170 33.94 40.15 21.17
CA PRO B 171 35.52 42.51 18.60
CA ASN B 172 38.86 41.72 20.20
CA SER B 173 38.31 38.73 17.84
CA PRO B 174 38.98 35.67 20.01
CA ARG B 175 40.29 32.79 17.95
CA ALA B 176 38.75 30.08 20.14
CA GLU B 177 38.24 26.39 19.50
CA ALA B 178 34.73 25.61 20.90
CA THR B 179 34.01 21.98 21.70
CA LEU B 180 31.74 19.51 19.92
CA GLY B 181 29.53 17.23 22.02
CA GLY B 182 31.17 13.87 22.04
CA PHE B 183 33.09 14.60 18.84
CA GLY B 184 35.96 16.78 19.82
CA SER B 185 35.66 20.38 18.80
CA LEU B 186 35.35 23.00 16.19
CA GLY B 187 37.67 25.90 15.93
CA LEU B 188 37.14 29.63 15.54
CA ASP B 189 39.09 32.49 14.04
CA CYS B 190 36.93 35.55 14.24
CA GLU B 191 36.77 38.44 11.82
CA PRO B 192 34.13 41.12 11.27
CA ARG B 193 31.25 40.41 8.91
CA THR B 194 29.26 43.27 7.28
CA GLY B 195 27.12 44.24 10.25
CA LEU B 196 27.16 46.81 13.10
CA ASP B 197 27.38 50.18 11.34
CA PHE B 198 29.66 51.70 13.91
CA SER B 199 29.78 55.25 15.26
CA ASP B 200 30.77 54.80 18.98
CA LEU B 201 27.39 55.08 20.60
CA TYR B 202 26.49 56.35 24.05
CA TYR B 203 24.07 54.41 26.22
CA LEU B 204 22.10 56.28 28.90
CA THR B 205 21.01 54.89 32.19
CA MET B 206 18.43 57.06 34.09
CA ASN B 207 18.52 54.11 36.52
CA ASN B 208 18.90 51.38 33.90
CA LYS B 209 16.47 52.60 31.25
CA HIS B 210 19.24 53.24 28.73
CA TRP B 211 19.21 54.08 25.07
CA LEU B 212 21.35 54.77 22.03
CA VAL B 213 22.85 58.26 22.27
CA HIS B 214 25.53 59.86 20.13
CA LYS B 215 28.30 62.35 20.95
CA GLU B 216 26.73 65.21 18.96
CA TRP B 217 23.61 65.53 21.06
CA PHE B 218 25.01 63.60 23.90
CA HIS B 219 27.42 66.40 24.66
CA ASP B 220 25.10 68.95 23.09
CA ILE B 221 22.91 68.28 26.13
CA PRO B 222 23.53 71.59 27.99
CA LEU B 223 24.36 69.79 31.24
CA PRO B 224 27.60 69.39 33.27
CA TRP B 225 30.30 67.12 31.91
CA HIS B 226 32.21 65.82 34.87
CA ALA B 227 33.63 63.10 32.63
CA GLY B 228 33.32 59.43 33.42
CA ALA B 229 36.71 58.75 34.93
CA ASP B 230 37.06 61.66 37.36
CA THR B 231 34.36 60.58 39.89
CA GLY B 232 35.88 62.08 43.03
CA THR B 233 33.33 64.45 41.87
CA PRO B 234 33.80 68.23 42.29
CA HIS B 235 34.15 69.57 38.79
CA TRP B 236 31.12 69.46 36.44
CA ASN B 237 31.83 72.02 33.65
CA ASN B 238 28.25 73.36 33.55
CA LYS B 239 26.15 72.88 36.71
CA GLU B 240 24.27 76.09 36.21
CA ALA B 241 20.96 74.86 34.76
CA LEU B 242 19.59 73.50 38.09
CA VAL B 243 20.80 76.43 40.22
CA GLU B 244 20.13 79.78 38.60
CA PHE B 245 22.06 82.72 40.01
CA LYS B 246 19.49 85.36 40.93
CA ASP B 247 19.15 88.19 43.48
CA ALA B 248 17.21 89.51 46.43
CA HIS B 249 18.38 93.15 46.47
CA ALA B 250 22.15 93.38 45.65
CA LYS B 251 22.81 91.27 48.80
CA ARG B 252 21.60 87.68 49.29
CA GLN B 253 22.09 86.85 45.63
CA THR B 254 19.70 83.94 45.35
CA VAL B 255 20.32 80.63 43.63
CA VAL B 256 16.84 79.81 42.28
CA VAL B 257 16.83 76.13 42.22
CA LEU B 258 15.23 73.32 40.25
CA GLY B 259 14.01 69.74 40.71
CA SER B 260 14.21 66.07 39.71
CA GLN B 261 14.21 66.64 35.94
CA GLU B 262 14.55 63.13 34.61
CA GLY B 263 10.97 62.08 34.02
CA ALA B 264 10.63 65.22 31.93
CA VAL B 265 13.92 64.59 30.20
CA HIS B 266 12.54 61.19 29.28
CA THR B 267 9.46 63.03 28.08
CA ALA B 268 11.86 65.13 25.98
CA LEU B 269 13.71 61.95 25.09
CA ALA B 270 10.72 59.84 24.24
CA GLY B 271 11.92 60.69 20.71
CA ALA B 272 14.48 57.96 21.33
CA LEU B 273 15.00 54.21 20.84
CA GLU B 274 14.76 53.21 24.52
CA ALA B 275 17.53 50.61 24.31
CA GLU B 276 17.54 49.96 28.06
CA MET B 277 19.70 47.78 30.34
CA ASP B 278 18.62 44.46 28.90
CA GLY B 279 21.99 42.80 28.62
CA ALA B 280 23.62 41.30 31.68
CA LYS B 281 26.47 43.80 31.71
CA GLY B 282 24.22 46.60 30.52
CA ARG B 283 22.33 46.57 27.22
CA LEU B 284 21.58 44.06 24.47
CA SER B 285 22.16 44.81 20.80
CA SER B 286 22.54 43.14 17.43
CA GLY B 287 25.85 41.70 16.28
CA HIS B 288 27.29 39.90 13.22
CA LEU B 289 30.48 37.79 13.00
CA LYS B 290 32.65 36.38 10.22
CA CYS B 291 34.42 33.68 12.31
CA ARG B 292 36.45 31.45 9.96
CA LEU B 293 36.51 28.09 11.67
CA LYS B 294 38.17 24.70 11.68
CA MET B 295 36.12 21.53 12.14
CA ASP B 296 38.03 18.35 11.29
CA LYS B 297 37.82 17.47 14.98
CA LEU B 298 34.14 16.89 14.25
CA ARG B 299 33.59 13.17 13.94
CA LEU B 300 30.37 11.44 12.99
CA LYS B 301 28.00 9.93 15.53
CA GLY B 302 26.99 7.31 13.03
CA VAL B 303 28.71 4.06 11.97
CA SER B 304 29.83 3.74 15.61
CA TYR B 305 26.17 2.71 16.12
CA SER B 306 24.96 -0.18 13.98
CA LEU B 307 21.30 -0.64 13.03
CA CYS B 308 18.68 -1.40 15.76
CA THR B 309 15.76 -3.79 16.45
CA ALA B 310 12.03 -2.71 16.52
CA ALA B 311 9.70 -0.46 14.55
CA PHE B 312 8.95 3.22 15.26
CA THR B 313 6.14 5.73 14.62
CA PHE B 314 5.09 9.31 13.89
CA THR B 315 4.31 9.43 17.61
CA LYS B 316 2.41 12.66 17.23
CA ILE B 317 2.85 14.13 13.71
CA PRO B 318 5.25 14.51 10.75
CA ALA B 319 5.86 18.19 11.74
CA GLU B 320 7.68 20.26 9.12
CA THR B 321 8.97 23.71 10.02
CA LEU B 322 8.47 26.11 7.10
CA HIS B 323 11.30 25.43 4.71
CA GLY B 324 11.63 21.72 4.29
CA THR B 325 12.73 19.94 7.44
CA VAL B 326 10.14 17.40 8.53
CA THR B 327 10.47 16.46 12.16
CA VAL B 328 8.60 13.21 12.63
CA GLU B 329 8.58 12.48 16.33
CA VAL B 330 9.81 8.92 16.57
CA GLN B 331 8.97 6.38 19.24
CA TYR B 332 12.20 4.42 18.95
CA ALA B 333 10.47 1.40 20.33
CA GLY B 334 12.99 -1.29 21.06
CA THR B 335 16.39 -2.53 22.05
CA ASP B 336 19.74 -3.23 20.36
CA GLY B 337 20.74 0.35 20.88
CA PRO B 338 22.97 2.44 20.48
CA CYS B 339 22.35 1.86 16.75
CA LYS B 340 21.48 3.90 13.59
CA VAL B 341 18.15 3.73 11.81
CA PRO B 342 15.51 3.67 9.91
CA ALA B 343 15.90 1.84 6.77
CA GLN B 344 15.99 5.34 5.40
CA MET B 345 14.77 4.48 1.92
CA ALA B 346 12.59 7.57 1.24
CA VAL B 347 10.63 5.47 -1.24
CA ASP B 348 7.41 5.77 -3.05
CA MET B 349 5.34 2.94 -4.50
CA GLN B 350 8.14 2.47 -7.06
CA THR B 351 10.73 2.00 -4.23
CA LEU B 352 12.75 5.26 -4.43
CA THR B 353 15.95 6.48 -2.74
CA PRO B 354 16.63 8.48 0.50
CA VAL B 355 16.41 11.61 -1.73
CA GLY B 356 16.08 14.44 0.84
CA ARG B 357 18.42 15.97 3.35
CA LEU B 358 19.67 14.06 6.25
CA ILE B 359 18.85 15.29 9.74
CA THR B 360 18.82 14.04 13.01
CA ALA B 361 22.33 14.26 11.95
CA ASN B 362 23.06 10.56 11.73
CA PRO B 363 20.22 8.02 12.11
CA VAL B 364 21.65 7.06 15.56
CA ILE B 365 19.51 6.56 18.64
CA THR B 366 22.49 6.52 21.13
CA GLU B 367 20.43 4.05 23.13
CA SER B 368 17.19 2.50 21.91
CA THR B 369 16.20 0.29 24.82
CA GLU B 370 13.18 0.60 27.19
CA ASN B 371 10.95 1.56 24.18
CA SER B 372 12.74 4.90 23.74
CA LYS B 373 11.66 8.06 21.90
CA MET B 374 13.39 10.65 19.67
CA MET B 375 12.48 12.54 16.57
CA LEU B 376 13.49 12.56 12.92
CA GLU B 377 14.19 16.16 11.78
CA LEU B 378 14.70 14.95 8.20
CA ASP B 379 14.71 17.58 5.54
CA PRO B 380 12.36 16.19 2.91
CA PRO B 381 12.59 16.76 -0.81
CA PHE B 382 9.88 19.00 -2.26
CA GLY B 383 7.10 16.73 -3.43
CA ASP B 384 6.52 13.15 -2.33
CA SER B 385 8.40 10.37 -0.67
CA TYR B 386 7.30 7.65 1.71
CA ILE B 387 8.66 8.56 5.11
CA VAL B 388 9.93 5.07 5.84
CA ILE B 389 9.88 4.39 9.53
CA GLY B 390 11.23 1.34 11.39
CA VAL B 391 13.65 0.77 14.32
CA GLY B 392 14.91 -2.58 13.12
CA GLU B 393 12.71 -3.43 10.19
CA LYS B 394 9.05 -3.48 8.93
CA LYS B 395 9.79 0.15 8.05
CA ILE B 396 6.42 2.03 8.10
CA THR B 397 6.02 4.00 4.86
CA HIS B 398 4.26 7.37 4.61
CA HIS B 399 3.89 9.59 1.56
CA TRP B 400 3.99 13.19 2.53
CA HIS B 401 4.03 15.33 -0.65
CA ARG B 402 6.14 18.24 0.56
CA SER B 403 4.17 20.93 -1.31
CA GLY B 404 5.24 19.77 -4.78
CA SER B 405 8.74 19.63 -6.26
CA THR B 406 9.59 23.35 -6.09
CA ILE B 407 13.25 23.99 -6.87
CA GLY B 408 12.79 27.07 -9.00
CA LYS B 409 12.64 29.61 -6.19
CA ALA B 410 15.18 27.72 -4.09
CA PHE B 411 18.13 28.20 -6.42
CA GLU B 412 17.17 31.85 -6.90
CA ALA B 413 17.33 32.11 -3.11
CA THR B 414 20.77 30.48 -3.13
CA VAL B 415 22.18 32.72 -5.87
CA ARG B 416 20.83 35.63 -3.87
CA GLY B 417 22.57 34.01 -0.87
CA ALA B 418 25.64 34.19 -3.06
CA LYS B 419 25.13 37.94 -3.13
CA ARG B 420 23.98 38.37 0.49
CA MET B 421 26.61 36.19 2.16
CA ALA B 422 28.62 39.44 2.73
CA VAL B 423 31.40 38.19 0.47
CA LEU B 424 31.97 41.87 -0.43
CA GLY B 425 33.19 42.38 3.12
CA ASP B 426 35.95 39.93 2.39
CA THR B 427 36.12 40.74 -1.36
CA ALA B 428 39.28 38.60 -1.66
CA TRP B 429 37.88 35.07 -1.90
CA ASP B 430 40.93 34.06 -3.92
CA PHE B 431 42.36 34.21 -0.37
CA GLY B 432 45.67 35.86 -1.14
CA SER B 433 47.09 35.99 -4.66
CA VAL B 434 46.95 32.19 -4.90
CA GLY B 435 43.30 31.58 -5.77
CA GLY B 436 43.27 28.13 -4.22
CA ALA B 437 39.53 28.06 -3.67
CA LEU B 438 39.01 31.12 -5.83
CA ASN B 439 35.22 30.92 -5.75
CA SER B 440 33.26 29.77 -2.72
CA LEU B 441 30.06 30.82 -4.52
CA GLY B 442 31.07 29.07 -7.73
CA LYS B 443 31.54 25.77 -5.93
CA GLY B 444 28.15 26.10 -4.33
CA ILE B 445 26.59 26.83 -7.71
CA HIS B 446 28.26 23.81 -9.30
CA GLN B 447 26.90 21.54 -6.59
CA ILE B 448 23.41 22.93 -7.14
CA PHE B 449 23.72 22.38 -10.88
CA GLY B 450 24.75 18.76 -10.43
CA ALA B 451 21.79 18.17 -8.18
CA ALA B 452 19.41 19.72 -10.73
CA PHE B 453 21.06 17.56 -13.38
CA LYS B 454 20.46 14.17 -11.67
CA SER B 455 16.62 13.61 -12.06
CA LEU B 456 16.72 14.35 -15.80
CA PHE B 457 20.12 13.12 -17.07
CA GLY B 458 22.25 10.24 -15.79
CA GLY B 459 24.92 7.76 -16.85
CA MET B 460 27.41 8.52 -14.08
CA SER B 461 27.04 10.56 -10.90
CA TRP B 462 29.16 13.65 -11.57
CA PHE B 463 29.62 12.13 -15.05
CA SER B 464 26.69 14.14 -16.36
CA GLN B 465 28.49 17.28 -15.16
CA ILE B 466 31.69 16.09 -16.81
CA LEU B 467 29.72 15.56 -20.02
CA ILE B 468 28.37 19.10 -19.76
CA GLY B 469 31.93 20.34 -19.36
CA THR B 470 32.94 18.35 -22.43
CA LEU B 471 30.07 19.92 -24.36
CA LEU B 472 31.30 23.34 -23.25
CA MET B 473 34.81 22.50 -24.46
CA TRP B 474 33.35 21.32 -27.75
CA LEU B 475 31.51 24.68 -28.03
CA GLY B 476 34.96 26.24 -27.72
CA LEU B 477 35.25 29.74 -29.12
CA ASN B 478 31.98 29.07 -30.84
CA THR B 479 31.51 30.60 -34.27
CA LYS B 480 28.02 32.08 -34.45
CA ASN B 481 26.91 33.79 -31.22
CA GLY B 482 30.52 33.89 -29.96
CA SER B 483 28.91 35.18 -26.79
CA ILE B 484 28.78 31.44 -26.11
CA SER B 485 32.50 31.29 -26.82
CA LEU B 486 33.09 33.36 -23.71
CA MET B 487 29.82 32.01 -22.40
CA CYS B 488 30.86 28.49 -23.30
CA LEU B 489 34.11 28.91 -21.40
CA ALA B 490 32.25 30.28 -18.40
CA LEU B 491 29.83 27.37 -18.50
CA GLY B 492 32.68 24.89 -18.58
CA GLY B 493 34.28 26.57 -15.60
CA VAL B 494 31.00 26.53 -13.73
CA LEU B 495 30.55 22.84 -14.48
CA ILE B 496 34.03 22.09 -13.19
CA PHE B 497 33.33 24.03 -10.01
CA LEU B 498 30.05 22.19 -9.55
CA SER B 499 31.80 18.85 -9.98
CA THR B 500 34.40 19.82 -7.39
CA ALA B 501 31.61 20.83 -5.02
CA VAL B 502 29.65 17.62 -5.58
CA SER B 503 32.13 15.04 -4.30
CA ALA B 504 35.50 16.87 -4.38
CA ARG C 2 37.63 -41.68 -1.68
CA CYS C 3 37.90 -39.40 -4.72
CA ILE C 4 35.36 -37.62 -2.47
CA GLY C 5 38.10 -36.65 -0.07
CA VAL C 6 40.78 -35.89 -2.65
CA SER C 7 40.88 -33.95 -5.92
CA ASN C 8 40.28 -37.20 -7.78
CA ARG C 9 36.71 -37.89 -8.84
CA ASP C 10 34.62 -39.87 -11.19
CA PHE C 11 31.37 -37.90 -11.16
CA VAL C 12 29.45 -40.34 -13.34
CA GLU C 13 27.43 -38.48 -15.97
CA GLY C 14 27.11 -40.75 -18.98
CA MET C 15 24.22 -42.17 -21.01
CA SER C 16 21.79 -43.11 -18.31
CA GLY C 17 18.81 -44.57 -20.03
CA GLY C 18 16.42 -46.90 -18.30
CA THR C 19 18.01 -49.83 -16.48
CA TRP C 20 21.22 -50.68 -18.35
CA VAL C 21 23.33 -47.73 -17.63
CA ASP C 22 27.07 -47.94 -18.03
CA VAL C 23 29.81 -47.06 -15.57
CA VAL C 24 33.50 -47.73 -14.97
CA LEU C 25 34.60 -49.92 -12.14
CA GLU C 26 38.24 -49.33 -11.41
CA HIS C 27 40.83 -49.15 -8.68
CA GLY C 28 41.97 -45.59 -7.98
CA GLY C 29 39.10 -43.56 -9.36
CA CYS C 30 35.84 -43.55 -7.43
CA VAL C 31 32.28 -42.67 -8.08
CA THR C 32 29.64 -40.15 -7.61
CA VAL C 33 26.19 -40.06 -9.28
CA MET C 34 24.19 -37.25 -10.92
CA ALA C 35 22.50 -38.39 -13.74
CA GLN C 36 19.08 -37.11 -12.67
CA ASP C 37 17.50 -37.05 -9.15
CA LYS C 38 20.19 -39.24 -7.69
CA PRO C 39 20.68 -39.08 -3.96
CA THR C 40 24.42 -39.06 -4.05
CA VAL C 41 26.38 -42.28 -3.85
CA ASP C 42 29.94 -43.49 -4.15
CA ILE C 43 30.80 -46.92 -5.50
CA GLU C 44 34.16 -48.04 -4.26
CA LEU C 45 37.19 -49.56 -5.91
CA VAL C 46 39.36 -51.67 -3.67
CA THR C 47 40.20 -55.24 -3.33
CA THR C 48 41.26 -58.03 -5.70
CA THR C 49 41.23 -61.38 -4.00
CA VAL C 50 42.05 -64.56 -5.90
CA SER C 51 39.50 -66.46 -3.99
CA ASN C 52 39.55 -70.27 -3.92
CA MET C 53 43.21 -70.71 -4.59
CA ALA C 54 44.37 -74.22 -5.32
CA GLU C 55 47.90 -75.58 -5.41
CA VAL C 56 49.23 -77.27 -8.50
CA ARG C 57 52.50 -77.44 -6.58
CA SER C 58 54.06 -78.64 -3.43
CA TYR C 59 57.59 -77.75 -2.44
CA CYS C 60 59.84 -78.80 0.34
CA TYR C 61 62.47 -76.67 2.05
CA GLU C 62 63.44 -78.82 5.01
CA ALA C 63 65.34 -81.96 5.94
CA SER C 64 64.57 -84.90 8.22
CA ILE C 65 66.86 -87.45 6.67
CA SER C 66 66.37 -90.97 7.89
CA ASP C 67 67.01 -94.70 7.42
CA MET C 68 69.54 -93.92 4.78
CA ALA C 69 70.65 -97.47 4.04
CA SER C 70 73.68 -98.02 1.84
CA ASP C 71 74.81 -101.46 0.77
CA SER C 72 78.29 -101.38 -0.72
CA ARG C 73 79.45 -104.13 -3.04
CA CYS C 74 82.23 -106.44 -3.78
CA PRO C 75 82.89 -104.86 -7.20
CA THR C 76 81.14 -106.63 -10.13
CA GLN C 77 79.94 -109.33 -7.71
CA GLY C 78 76.65 -107.62 -6.90
CA GLU C 79 74.54 -104.51 -7.25
CA ALA C 80 73.72 -103.95 -3.56
CA TYR C 81 70.18 -105.27 -3.86
CA LEU C 82 68.63 -103.28 -1.01
CA ASP C 83 64.91 -103.81 -0.71
CA LYS C 84 63.98 -100.48 0.85
CA GLN C 85 65.11 -98.55 -2.20
CA SER C 86 61.88 -98.78 -4.07
CA ASP C 87 59.38 -96.96 -1.89
CA THR C 88 58.12 -93.44 -2.62
CA GLN C 89 59.47 -92.19 0.68
CA TYR C 90 62.81 -93.88 -0.05
CA VAL C 91 64.38 -91.57 -2.59
CA CYS C 92 67.50 -93.27 -3.83
CA LYS C 93 70.81 -92.84 -5.63
CA ARG C 94 73.29 -95.39 -6.77
CA THR C 95 77.04 -95.07 -6.66
CA LEU C 96 80.17 -96.97 -7.62
CA VAL C 97 83.47 -96.39 -5.84
CA ASP C 98 86.52 -98.68 -5.82
CA ARG C 99 87.10 -101.56 -3.41
CA GLY C 100 90.28 -103.61 -3.46
CA TRP C 101 92.01 -106.28 -1.43
CA GLY C 102 90.92 -105.79 2.16
CA ASN C 103 90.16 -102.11 1.50
CA GLY C 104 86.77 -103.25 2.41
CA CYS C 105 86.23 -106.57 0.66
CA GLY C 106 88.85 -107.92 -1.69
CA LEU C 107 87.80 -107.69 -5.31
CA PHE C 108 88.95 -105.79 -8.40
CA GLY C 109 87.26 -102.67 -9.62
CA LYS C 110 84.83 -99.94 -8.81
CA GLY C 111 81.65 -101.47 -7.48
CA SER C 112 77.97 -100.77 -6.93
CA LEU C 113 75.77 -99.09 -4.33
CA VAL C 114 72.10 -98.68 -3.58
CA THR C 115 72.38 -95.57 -1.34
CA CYS C 116 68.68 -95.01 -0.64
CA ALA C 117 67.16 -92.82 2.06
CA LYS C 118 63.71 -91.77 3.05
CA PHE C 119 63.88 -88.02 3.18
CA ALA C 120 60.86 -87.92 5.54
CA CYS C 121 60.33 -84.21 4.92
CA SER C 122 58.92 -81.94 7.62
CA LYS C 123 57.97 -78.43 6.50
CA LYS C 124 56.00 -76.79 3.64
CA MET C 125 56.37 -73.39 2.00
CA THR C 126 53.24 -73.02 -0.16
CA GLY C 127 53.38 -71.60 -3.74
CA LYS C 128 49.70 -71.42 -4.23
CA SER C 129 48.03 -71.78 -7.62
CA ILE C 130 45.13 -69.55 -8.53
CA GLN C 131 42.12 -70.40 -10.88
CA PRO C 132 41.07 -66.80 -11.61
CA GLU C 133 37.44 -67.67 -12.44
CA ASN C 134 36.37 -67.16 -8.83
CA LEU C 135 38.47 -64.17 -7.85
CA GLU C 136 35.55 -62.34 -6.25
CA TYR C 137 35.92 -58.63 -6.91
CA ARG C 138 34.51 -57.10 -3.72
CA ILE C 139 33.00 -53.67 -4.37
CA MET C 140 31.59 -51.34 -1.76
CA LEU C 141 28.94 -48.68 -2.31
CA SER C 142 28.38 -45.62 -0.17
CA VAL C 143 25.47 -43.20 0.32
CA HIS C 144 26.28 -39.48 0.30
CA GLY C 145 23.76 -37.10 1.70
CA SER C 146 22.58 -37.25 5.33
CA GLN C 147 26.20 -37.41 6.68
CA HIS C 148 25.26 -38.70 10.10
CA SER C 149 27.97 -41.15 9.42
CA GLY C 150 29.68 -38.06 8.05
CA MET C 151 28.92 -36.62 11.45
CA ILE C 152 31.60 -39.08 12.47
CA VAL C 153 33.33 -39.56 9.07
CA ASN C 154 32.13 -40.19 5.52
CA ASP C 155 35.00 -42.10 3.92
CA THR C 156 35.34 -44.80 6.60
CA GLY C 157 33.67 -48.12 5.90
CA HIS C 158 30.33 -46.64 7.16
CA GLU C 159 30.56 -48.72 10.39
CA THR C 160 32.51 -51.70 11.65
CA ASP C 161 29.55 -54.14 11.60
CA GLU C 162 28.36 -54.06 7.98
CA ASN C 163 31.59 -52.53 6.80
CA ARG C 164 30.20 -50.21 4.13
CA ALA C 165 26.92 -51.95 3.06
CA LYS C 166 28.03 -53.59 -0.02
CA VAL C 167 27.58 -55.44 -3.31
CA GLU C 168 29.71 -58.39 -4.36
CA ILE C 169 31.06 -59.05 -7.86
CA THR C 170 32.81 -61.99 -9.49
CA PRO C 171 34.59 -61.84 -12.85
CA ASN C 172 31.95 -64.27 -14.09
CA SER C 173 29.75 -61.14 -14.50
CA PRO C 174 26.99 -60.83 -11.88
CA ARG C 175 23.84 -58.78 -12.33
CA ALA C 176 23.05 -58.00 -8.68
CA GLU C 177 20.47 -55.44 -7.69
CA ALA C 178 22.50 -53.38 -5.23
CA THR C 179 20.19 -51.92 -2.56
CA LEU C 180 20.51 -48.18 -1.90
CA GLY C 181 19.05 -47.27 1.49
CA GLY C 182 15.54 -45.89 1.28
CA PHE C 183 15.30 -45.44 -2.49
CA GLY C 184 14.50 -48.95 -3.35
CA SER C 185 17.78 -49.47 -5.11
CA LEU C 186 19.77 -49.62 -8.29
CA GLY C 187 21.13 -52.68 -9.90
CA LEU C 188 24.05 -53.86 -11.95
CA ASP C 189 25.30 -56.11 -14.72
CA CYS C 190 29.04 -56.76 -14.60
CA GLU C 191 31.45 -56.63 -17.55
CA PRO C 192 35.27 -56.32 -17.72
CA ARG C 193 36.92 -53.03 -18.59
CA THR C 194 40.66 -52.67 -19.45
CA GLY C 195 42.94 -53.82 -16.66
CA LEU C 196 44.57 -56.88 -15.03
CA ASP C 197 46.18 -58.84 -17.88
CA PHE C 198 45.90 -62.40 -16.65
CA SER C 199 49.37 -63.89 -17.01
CA ASP C 200 48.51 -67.22 -15.27
CA LEU C 201 50.27 -65.60 -12.38
CA TYR C 202 50.64 -67.68 -9.24
CA TYR C 203 51.69 -66.08 -6.00
CA LEU C 204 53.71 -67.37 -3.01
CA THR C 205 52.58 -67.68 0.53
CA MET C 206 55.62 -67.44 2.87
CA ASN C 207 53.37 -67.56 5.99
CA ASN C 208 51.17 -64.93 4.27
CA LYS C 209 54.24 -62.87 3.30
CA HIS C 210 53.72 -63.70 -0.38
CA TRP C 211 54.71 -62.33 -3.65
CA LEU C 212 53.51 -62.94 -7.19
CA VAL C 213 55.50 -65.58 -9.06
CA HIS C 214 55.84 -65.96 -12.82
CA LYS C 215 53.91 -68.98 -14.12
CA GLU C 216 56.62 -70.55 -16.27
CA TRP C 217 59.29 -69.79 -13.74
CA PHE C 218 57.41 -70.68 -10.60
CA HIS C 219 56.92 -73.91 -12.50
CA ASP C 220 60.64 -73.72 -13.27
CA ILE C 221 61.82 -73.22 -9.70
CA PRO C 222 64.30 -76.11 -9.20
CA LEU C 223 62.30 -77.53 -6.31
CA PRO C 224 61.05 -80.93 -5.22
CA TRP C 225 57.71 -80.99 -6.99
CA HIS C 226 55.06 -82.55 -4.85
CA ALA C 227 51.39 -81.66 -5.23
CA GLY C 228 49.18 -79.74 -2.82
CA ALA C 229 46.41 -82.13 -3.69
CA ASP C 230 48.65 -85.01 -2.63
CA THR C 231 49.94 -83.28 0.58
CA GLY C 232 50.75 -86.53 2.43
CA THR C 233 54.12 -85.99 0.98
CA PRO C 234 55.94 -88.98 -0.52
CA HIS C 235 56.23 -87.74 -4.08
CA TRP C 236 58.33 -84.54 -4.05
CA ASN C 237 59.79 -84.90 -7.57
CA ASN C 238 63.26 -83.35 -7.06
CA LYS C 239 65.10 -84.24 -3.86
CA GLU C 240 68.67 -83.99 -5.09
CA ALA C 241 68.09 -80.26 -5.19
CA LEU C 242 68.09 -80.77 -1.40
CA VAL C 243 70.81 -83.43 -1.10
CA GLU C 244 74.46 -82.97 -2.00
CA PHE C 245 75.21 -86.66 -1.52
CA LYS C 246 78.96 -87.19 -1.50
CA ASP C 247 81.35 -90.07 -0.83
CA ALA C 248 83.01 -90.97 2.45
CA HIS C 249 85.31 -93.92 1.66
CA ALA C 250 83.73 -96.60 -0.61
CA LYS C 251 81.14 -97.29 2.14
CA ARG C 252 78.43 -95.29 4.00
CA GLN C 253 78.87 -92.20 1.83
CA THR C 254 78.28 -88.68 3.19
CA VAL C 255 74.60 -87.87 2.92
CA VAL C 256 75.19 -84.06 3.01
CA VAL C 257 71.89 -82.20 2.89
CA LEU C 258 70.58 -78.65 2.59
CA GLY C 259 68.88 -77.14 5.64
CA SER C 260 65.33 -75.82 5.91
CA GLN C 261 66.77 -72.64 4.28
CA GLU C 262 63.42 -70.81 4.40
CA GLY C 263 65.09 -67.56 5.41
CA ALA C 264 66.66 -67.16 2.01
CA VAL C 265 63.57 -68.78 0.43
CA HIS C 266 62.30 -65.44 1.56
CA THR C 267 65.27 -63.07 1.34
CA ALA C 268 67.37 -64.31 -1.57
CA LEU C 269 64.03 -64.76 -3.27
CA ALA C 270 62.85 -61.31 -2.14
CA GLY C 271 63.60 -59.98 -5.63
CA ALA C 272 59.80 -59.82 -6.23
CA LEU C 273 56.80 -57.76 -5.21
CA GLU C 274 55.70 -58.77 -1.65
CA ALA C 275 52.15 -59.34 -2.92
CA GLU C 276 50.24 -61.08 -0.15
CA MET C 277 46.93 -62.70 0.84
CA ASP C 278 45.11 -60.08 2.83
CA GLY C 279 41.46 -60.73 2.12
CA ALA C 280 39.94 -63.58 4.09
CA LYS C 281 39.37 -65.32 0.77
CA GLY C 282 42.77 -64.23 -0.49
CA ARG C 283 44.54 -61.30 -2.04
CA LEU C 284 44.37 -57.49 -1.74
CA SER C 285 45.08 -55.99 -5.17
CA SER C 286 43.85 -53.59 -7.87
CA GLY C 287 41.35 -54.04 -10.69
CA HIS C 288 38.98 -52.70 -13.37
CA LEU C 289 35.46 -53.60 -14.48
CA LYS C 290 32.68 -52.12 -16.65
CA CYS C 291 29.51 -53.08 -14.76
CA ARG C 292 26.73 -51.65 -17.00
CA LEU C 293 24.33 -51.06 -14.17
CA LYS C 294 20.59 -51.14 -13.68
CA MET C 295 19.10 -47.74 -12.94
CA ASP C 296 15.29 -47.78 -13.14
CA LYS C 297 14.71 -48.10 -9.38
CA LEU C 298 16.23 -44.64 -8.79
CA ARG C 299 14.12 -42.96 -6.11
CA LEU C 300 14.95 -39.59 -4.62
CA LYS C 301 15.21 -38.35 -1.02
CA GLY C 302 13.51 -35.16 -2.20
CA VAL C 303 9.82 -34.43 -2.76
CA SER C 304 8.46 -35.89 0.50
CA TYR C 305 9.98 -33.02 2.57
CA SER C 306 8.65 -29.48 2.53
CA LEU C 307 10.62 -26.46 3.71
CA CYS C 308 11.58 -25.85 7.35
CA THR C 309 11.73 -23.23 10.09
CA ALA C 310 15.30 -22.16 11.01
CA ALA C 311 18.70 -21.05 9.69
CA PHE C 312 21.87 -23.13 9.86
CA THR C 313 25.64 -22.80 10.10
CA PHE C 314 29.04 -23.56 8.65
CA THR C 315 29.66 -24.30 12.36
CA LYS C 316 33.27 -23.26 12.16
CA ILE C 317 34.57 -23.95 8.65
CA PRO C 318 33.54 -24.47 5.02
CA ALA C 319 36.11 -27.25 4.48
CA GLU C 320 36.48 -27.13 0.67
CA THR C 321 37.83 -30.48 -0.32
CA LEU C 322 40.31 -30.27 -3.18
CA HIS C 323 38.19 -30.56 -6.32
CA GLY C 324 35.72 -27.73 -5.87
CA THR C 325 33.57 -29.58 -3.32
CA VAL C 326 32.84 -27.73 -0.08
CA THR C 327 31.87 -29.84 2.89
CA VAL C 328 30.27 -27.27 5.20
CA GLU C 329 29.12 -28.61 8.56
CA VAL C 330 25.53 -27.55 9.00
CA GLN C 331 23.58 -27.36 12.22
CA TYR C 332 19.84 -27.31 11.67
CA ALA C 333 19.35 -24.96 14.57
CA GLY C 334 15.60 -25.14 14.91
CA THR C 335 12.69 -27.52 14.81
CA ASP C 336 10.05 -28.61 12.23
CA GLY C 337 11.55 -31.17 10.01
CA PRO C 338 10.91 -33.36 7.88
CA CYS C 339 11.69 -30.59 5.39
CA LYS C 340 13.62 -29.19 2.40
CA VAL C 341 15.53 -25.82 2.29
CA PRO C 342 18.53 -24.13 1.92
CA ALA C 343 16.90 -21.90 -0.60
CA GLN C 344 20.03 -22.37 -2.62
CA MET C 345 19.53 -19.94 -5.35
CA ALA C 346 23.21 -19.36 -4.54
CA VAL C 347 23.23 -15.61 -4.08
CA ASP C 348 25.46 -12.64 -3.88
CA MET C 349 24.65 -8.93 -3.50
CA GLN C 350 22.49 -9.30 -6.65
CA THR C 351 20.69 -12.34 -5.17
CA LEU C 352 22.38 -14.62 -7.79
CA THR C 353 22.02 -18.16 -9.00
CA PRO C 354 22.33 -21.82 -7.75
CA VAL C 355 25.45 -22.52 -9.81
CA GLY C 356 27.04 -25.30 -7.70
CA ARG C 357 26.26 -28.98 -7.43
CA LEU C 358 23.64 -30.69 -5.44
CA ILE C 359 25.63 -32.85 -2.93
CA THR C 360 24.32 -33.51 0.17
CA ALA C 361 22.01 -34.05 -2.57
CA ASN C 362 19.02 -31.78 -2.03
CA PRO C 363 18.06 -28.97 0.30
CA VAL C 364 16.21 -31.78 2.18
CA ILE C 365 16.67 -31.95 5.92
CA THR C 366 14.62 -35.09 6.80
CA GLU C 367 14.39 -33.79 10.39
CA SER C 368 15.38 -30.48 11.91
CA THR C 369 13.91 -31.15 15.35
CA GLU C 370 16.11 -31.63 18.47
CA ASN C 371 18.42 -28.98 16.85
CA SER C 372 20.02 -31.72 14.73
CA LYS C 373 22.87 -31.27 12.29
CA MET C 374 24.60 -32.50 9.12
CA MET C 375 27.44 -31.88 6.67
CA LEU C 376 26.54 -29.89 3.55
CA GLU C 377 28.99 -31.52 1.13
CA LEU C 378 28.23 -29.11 -1.72
CA ASP C 379 30.22 -28.97 -4.91
CA PRO C 380 30.34 -25.23 -5.56
CA PRO C 381 31.58 -23.62 -8.77
CA PHE C 382 35.00 -22.04 -8.97
CA GLY C 383 35.02 -18.49 -7.63
CA ASP C 384 32.60 -16.73 -5.32
CA SER C 385 28.95 -16.69 -4.33
CA TYR C 386 27.18 -16.10 -1.06
CA ILE C 387 25.91 -19.60 -0.47
CA VAL C 388 22.45 -19.68 1.10
CA ILE C 389 22.87 -21.23 4.51
CA GLY C 390 19.43 -21.41 6.18
CA VAL C 391 17.20 -24.31 7.30
CA GLY C 392 13.81 -22.87 6.44
CA GLU C 393 14.63 -19.20 6.21
CA LYS C 394 16.87 -16.36 7.44
CA LYS C 395 19.77 -17.64 5.34
CA ILE C 396 23.09 -17.14 7.11
CA THR C 397 24.90 -16.76 3.81
CA HIS C 398 28.61 -16.35 3.19
CA HIS C 399 31.04 -15.96 0.32
CA TRP C 400 33.25 -18.94 -0.15
CA HIS C 401 35.35 -17.66 -3.09
CA ARG C 402 36.31 -21.03 -4.54
CA SER C 403 39.80 -20.32 -5.89
CA GLY C 404 38.56 -17.78 -8.42
CA SER C 405 36.37 -18.60 -11.41
CA THR C 406 38.75 -21.07 -13.03
CA ILE C 407 37.32 -21.02 -16.54
CA GLY C 408 40.20 -21.90 -18.83
CA LYS C 409 41.06 -25.17 -17.14
CA ALA C 410 37.46 -26.30 -16.82
CA PHE C 411 36.41 -27.01 -20.40
CA GLU C 412 39.78 -28.52 -21.39
CA ALA C 413 39.86 -30.74 -18.29
CA THR C 414 36.30 -31.90 -18.92
CA VAL C 415 37.08 -32.65 -22.57
CA ARG C 416 40.12 -34.59 -21.31
CA GLY C 417 37.68 -36.33 -18.98
CA ALA C 418 35.08 -37.29 -21.55
CA LYS C 419 37.74 -38.38 -24.00
CA ARG C 420 39.72 -40.63 -21.70
CA MET C 421 36.97 -41.96 -19.59
CA ALA C 422 37.24 -43.88 -22.82
CA VAL C 423 34.22 -46.15 -23.34
CA LEU C 424 36.11 -47.76 -26.30
CA GLY C 425 35.73 -51.27 -24.96
CA ASP C 426 32.06 -50.89 -25.76
CA THR C 427 32.10 -48.71 -28.90
CA ALA C 428 28.40 -49.48 -29.31
CA TRP C 429 26.71 -46.07 -29.45
CA ASP C 430 23.94 -47.11 -31.88
CA PHE C 431 22.93 -50.09 -29.64
CA GLY C 432 21.99 -51.91 -32.83
CA SER C 433 20.14 -50.86 -35.96
CA VAL C 434 18.02 -48.12 -34.37
CA GLY C 435 20.70 -45.60 -33.41
CA GLY C 436 18.35 -43.90 -30.96
CA ALA C 437 20.75 -42.45 -28.35
CA LEU C 438 24.10 -42.13 -29.85
CA ASN C 439 26.68 -40.01 -28.12
CA SER C 440 27.72 -40.78 -24.53
CA LEU C 441 30.92 -38.93 -23.56
CA GLY C 442 30.85 -36.64 -26.60
CA LYS C 443 27.22 -35.85 -25.91
CA GLY C 444 28.07 -35.09 -22.30
CA ILE C 445 30.83 -32.74 -23.40
CA HIS C 446 28.37 -31.00 -25.71
CA GLN C 447 25.91 -30.68 -22.82
CA ILE C 448 28.62 -29.17 -20.64
CA PHE C 449 29.43 -26.67 -23.39
CA GLY C 450 25.75 -25.80 -23.62
CA ALA C 451 25.60 -25.27 -19.87
CA ALA C 452 28.62 -22.98 -20.03
CA PHE C 453 26.87 -21.08 -22.81
CA LYS C 454 23.65 -20.69 -20.81
CA SER C 455 25.23 -18.74 -17.95
CA LEU C 456 26.13 -16.15 -20.60
CA PHE C 457 22.88 -16.07 -22.56
CA GLY C 458 19.97 -14.27 -20.96
CA GLY C 459 16.28 -13.93 -21.53
CA MET C 460 16.32 -17.63 -22.40
CA SER C 461 19.02 -20.14 -21.51
CA TRP C 462 17.48 -23.35 -22.86
CA PHE C 463 15.74 -21.84 -25.91
CA SER C 464 18.67 -19.58 -26.81
CA GLN C 465 20.94 -22.62 -27.13
CA ILE C 466 18.34 -24.34 -29.27
CA LEU C 467 18.16 -21.24 -31.49
CA ILE C 468 21.94 -21.13 -31.90
CA GLY C 469 21.89 -24.75 -32.99
CA THR C 470 19.18 -23.91 -35.50
CA LEU C 471 21.22 -21.02 -36.95
CA LEU C 472 24.21 -23.31 -37.34
CA MET C 473 22.09 -25.88 -39.19
CA TRP C 474 20.81 -22.94 -41.21
CA LEU C 475 24.16 -21.74 -42.65
CA GLY C 476 24.41 -24.75 -45.06
CA LEU C 477 27.46 -26.44 -46.54
CA ASN C 478 29.53 -23.40 -45.96
CA THR C 479 31.66 -21.62 -48.51
CA LYS C 480 34.58 -20.10 -46.53
CA ASN C 481 36.74 -23.18 -45.85
CA GLY C 482 34.76 -26.37 -46.60
CA SER C 483 35.99 -27.93 -43.41
CA ILE C 484 33.17 -25.67 -42.17
CA SER C 485 30.58 -27.39 -44.25
CA LEU C 486 31.51 -30.59 -42.40
CA MET C 487 32.88 -28.92 -39.31
CA CYS C 488 29.70 -26.94 -38.84
CA LEU C 489 27.56 -30.04 -39.22
CA ALA C 490 29.71 -31.92 -36.71
CA LEU C 491 29.59 -29.09 -34.19
CA GLY C 492 25.83 -28.96 -34.37
CA GLY C 493 25.56 -32.68 -33.80
CA VAL C 494 27.92 -32.57 -30.85
CA LEU C 495 26.01 -29.74 -29.21
CA ILE C 496 22.75 -31.61 -29.60
CA PHE C 497 24.23 -34.74 -28.05
CA LEU C 498 25.64 -32.85 -25.08
CA SER C 499 22.31 -31.18 -24.45
CA THR C 500 20.48 -34.49 -24.60
CA ALA C 501 22.95 -35.96 -22.14
CA VAL C 502 22.77 -33.17 -19.49
CA SER C 503 19.08 -32.86 -18.39
CA ALA C 504 17.67 -35.66 -20.62
CA ARG D 1 -97.99 -32.39 7.62
CA GLY D 2 -100.77 -31.77 5.14
CA SER D 3 -103.55 -33.23 7.38
CA ALA D 4 -102.45 -36.71 6.25
CA TYR D 5 -101.22 -39.48 8.51
CA TYR D 6 -97.77 -37.90 7.82
CA MET D 7 -96.19 -41.07 9.14
CA TYR D 8 -92.59 -42.00 8.47
CA LEU D 9 -91.81 -44.65 5.87
CA ASP D 10 -88.51 -46.51 5.56
CA ARG D 11 -86.95 -49.96 6.10
CA ASN D 12 -89.66 -51.02 8.57
CA ASP D 13 -92.76 -50.95 6.39
CA ALA D 14 -91.60 -53.91 4.34
CA GLY D 15 -94.27 -54.89 1.77
CA GLU D 16 -97.32 -54.51 3.96
CA ALA D 17 -101.01 -53.66 4.11
CA ILE D 18 -101.06 -50.47 6.21
CA SER D 19 -104.03 -49.40 8.35
CA PHE D 20 -104.49 -45.91 9.82
CA PRO D 21 -107.76 -43.98 10.36
CA THR D 22 -108.58 -40.71 8.57
CA THR D 23 -111.36 -38.51 7.24
CA LEU D 24 -111.76 -40.89 4.28
CA GLY D 25 -112.01 -43.74 6.81
CA MET D 26 -109.17 -46.19 7.32
CA ASN D 27 -106.70 -47.00 4.65
CA LYS D 28 -105.81 -50.58 4.08
CA CYS D 29 -102.65 -49.30 2.39
CA TYR D 30 -100.94 -52.10 0.53
CA ILE D 31 -97.41 -50.70 0.65
CA GLN D 32 -95.28 -52.91 -1.55
CA ILE D 33 -92.63 -50.28 -2.32
CA MET D 34 -88.98 -50.86 -1.34
CA ASP D 35 -88.76 -52.93 1.83
CA LEU D 36 -85.23 -51.72 2.56
CA GLY D 37 -84.01 -48.19 2.75
CA HIS D 38 -83.84 -46.46 6.14
CA MET D 39 -84.02 -42.68 6.67
CA CYS D 40 -80.94 -41.44 4.67
CA ASP D 41 -81.04 -37.57 4.46
CA ALA D 42 -81.30 -37.86 0.67
CA THR D 43 -84.94 -38.70 1.20
CA MET D 44 -86.48 -40.36 -1.88
CA SER D 45 -89.96 -39.18 -1.16
CA TYR D 46 -93.50 -38.44 -2.29
CA GLU D 47 -97.09 -39.14 -1.17
CA CYS D 48 -98.98 -42.21 -2.42
CA PRO D 49 -100.59 -41.49 -5.77
CA MET D 50 -103.68 -43.39 -4.51
CA LEU D 51 -105.76 -46.34 -4.63
CA ASP D 52 -108.80 -44.23 -3.91
CA GLU D 53 -111.20 -46.61 -5.39
CA GLY D 54 -111.39 -47.97 -8.90
CA VAL D 55 -108.75 -46.45 -11.20
CA GLU D 56 -105.89 -48.86 -10.74
CA PRO D 57 -102.41 -47.68 -9.79
CA ASP D 58 -100.95 -49.48 -12.71
CA ASP D 59 -97.20 -49.57 -12.18
CA VAL D 60 -96.44 -47.75 -8.93
CA ASP D 61 -95.30 -49.80 -5.94
CA CYS D 62 -97.48 -48.26 -3.21
CA TRP D 63 -101.27 -48.31 -3.13
CA CYS D 64 -104.10 -47.90 -0.70
CA ASN D 65 -107.73 -48.97 -1.28
CA THR D 66 -108.80 -45.94 0.73
CA THR D 67 -106.62 -42.90 1.51
CA SER D 68 -103.60 -41.96 -0.57
CA THR D 69 -101.08 -41.47 2.23
CA TRP D 70 -97.86 -39.47 2.48
CA VAL D 71 -94.90 -41.77 1.93
CA VAL D 72 -91.26 -41.23 2.95
CA TYR D 73 -89.19 -44.29 1.78
CA GLY D 74 -85.48 -43.46 2.06
CA THR D 75 -83.06 -45.04 -0.40
CA CYS D 76 -80.34 -46.34 1.94
CA HIS D 77 -78.46 -49.49 1.09
CA HIS D 78 -76.54 -48.48 4.17
CA LYS D 79 -77.18 -45.20 5.91
CA LYS D 80 -75.71 -43.08 3.06
CA GLY D 81 -76.67 -42.22 -0.50
CA GLU D 82 -76.04 -44.19 -3.68
CA ALA D 83 -73.94 -42.45 -6.33
CA ARG D 84 -73.93 -43.26 -10.06
CA ARG D 85 -73.17 -41.78 -13.52
CA SER D 86 -69.65 -42.08 -15.03
CA ARG D 87 -67.29 -39.32 -14.52
CA ARG D 88 -65.88 -35.84 -14.96
CA ALA D 89 -63.00 -36.27 -17.42
CA VAL D 90 -63.24 -33.09 -19.42
CA THR D 91 -60.41 -30.61 -19.38
CA LEU D 92 -56.79 -30.80 -20.79
CA PRO D 93 -55.90 -27.24 -20.26
CA SER D 94 -53.28 -25.89 -22.66
CA HIS D 95 -51.82 -22.84 -24.43
CA SER D 96 -50.37 -22.82 -27.95
CA THR D 97 -48.58 -20.46 -30.43
CA ARG D 98 -46.44 -17.25 -30.14
CA LYS D 99 -43.09 -19.04 -29.86
CA LEU D 100 -40.11 -17.79 -31.88
CA GLN D 101 -36.36 -18.29 -32.47
CA THR D 102 -34.30 -20.68 -30.28
CA ARG D 103 -32.33 -22.06 -33.25
CA SER D 104 -28.63 -23.07 -33.66
CA GLN D 105 -25.36 -22.48 -31.76
CA THR D 106 -25.68 -23.25 -28.05
CA TRP D 107 -22.04 -22.64 -26.94
CA LEU D 108 -19.89 -25.75 -27.30
CA GLU D 109 -16.41 -25.36 -25.80
CA SER D 110 -13.36 -27.20 -27.12
CA ARG D 111 -10.45 -28.81 -25.22
CA GLU D 112 -7.09 -30.24 -26.24
CA TYR D 113 -5.59 -32.09 -23.21
CA THR D 114 -2.72 -29.96 -21.78
CA LYS D 115 1.01 -29.15 -21.95
CA HIS D 116 2.84 -26.69 -24.14
CA LEU D 117 -0.25 -25.79 -26.10
CA ILE D 118 -2.27 -24.86 -23.01
CA ARG D 119 0.65 -22.95 -21.52
CA VAL D 120 1.24 -21.08 -24.76
CA GLU D 121 -2.39 -20.07 -25.06
CA ASN D 122 -2.44 -18.72 -21.53
CA TRP D 123 0.78 -16.80 -22.01
CA ILE D 124 -0.38 -15.34 -25.29
CA PHE D 125 -3.54 -14.00 -23.73
CA ARG D 126 -1.72 -12.63 -20.65
CA ASN D 127 1.68 -11.47 -21.95
CA PRO D 128 2.88 -7.94 -21.76
CA GLY D 129 1.49 -6.19 -24.71
CA PHE D 130 2.36 -2.50 -24.86
CA ALA D 131 5.99 -3.04 -25.88
CA LEU D 132 6.59 -6.67 -26.79
CA ALA D 133 3.30 -6.84 -28.67
CA ALA D 134 4.44 -3.87 -30.76
CA ALA D 135 7.77 -5.56 -31.39
CA ALA D 136 5.89 -8.67 -32.52
CA ILE D 137 3.75 -6.64 -34.92
CA ALA D 138 6.93 -5.09 -36.31
CA TRP D 139 8.37 -8.57 -36.78
CA LEU D 140 5.24 -9.73 -38.58
CA LEU D 141 5.56 -6.70 -40.86
CA GLY D 142 8.94 -7.77 -42.20
CA SER D 143 8.60 -9.30 -45.68
CA SER D 144 6.10 -9.27 -48.52
CA THR D 145 2.63 -10.01 -47.08
CA SER D 146 0.39 -11.66 -49.63
CA GLN D 147 1.38 -15.04 -48.20
CA LYS D 148 3.36 -15.58 -45.00
CA VAL D 149 3.75 -11.99 -43.79
CA ILE D 150 0.78 -12.22 -41.43
CA TYR D 151 1.66 -15.74 -40.41
CA LEU D 152 5.19 -14.57 -39.69
CA VAL D 153 4.00 -11.71 -37.52
CA MET D 154 1.71 -14.05 -35.61
CA ILE D 155 4.53 -16.53 -35.12
CA LEU D 156 6.76 -13.78 -33.81
CA LEU D 157 4.17 -12.57 -31.32
CA ILE D 158 3.78 -16.16 -30.26
CA ALA D 159 7.46 -16.81 -29.61
CA PRO D 160 7.75 -13.80 -27.30
CA ALA D 161 4.53 -14.63 -25.44
CA TYR D 162 5.54 -18.29 -25.12
CA SER D 163 9.26 -17.61 -24.95
CA ARG E 1 32.56 83.73 63.08
CA GLY E 2 34.24 86.01 60.53
CA SER E 3 36.05 87.69 63.52
CA ALA E 4 32.65 89.24 64.41
CA TYR E 5 30.27 88.56 67.29
CA TYR E 6 29.57 85.00 66.08
CA MET E 7 26.22 86.38 65.02
CA TYR E 8 24.51 83.03 64.45
CA LEU E 9 20.86 83.89 63.83
CA ASP E 10 17.77 81.87 62.94
CA ARG E 11 14.01 81.76 63.66
CA ASN E 12 14.67 82.62 67.30
CA ASP E 13 16.56 85.80 66.43
CA ALA E 14 14.81 86.69 63.16
CA GLY E 15 13.44 90.24 63.08
CA GLU E 16 14.50 91.69 66.44
CA ALA E 17 17.05 94.06 67.94
CA ILE E 18 20.19 91.89 68.17
CA SER E 19 22.59 92.94 70.92
CA PHE E 20 26.10 91.64 71.27
CA PRO E 21 28.76 93.85 72.90
CA THR E 22 31.77 95.20 70.99
CA THR E 23 34.62 97.69 71.12
CA LEU E 24 32.31 100.59 70.22
CA GLY E 25 29.77 99.45 72.79
CA MET E 26 26.85 97.14 72.02
CA ASN E 27 25.09 96.84 68.72
CA LYS E 28 21.47 97.81 68.62
CA CYS E 29 21.40 95.55 65.53
CA TYR E 30 18.35 96.52 63.59
CA ILE E 31 17.23 93.19 62.14
CA GLN E 32 13.66 93.63 60.93
CA ILE E 33 13.69 90.54 58.72
CA MET E 34 11.00 87.92 58.01
CA ASP E 35 10.46 85.83 61.13
CA LEU E 36 10.86 82.49 59.35
CA GLY E 37 14.20 80.75 59.03
CA HIS E 38 15.11 77.69 61.10
CA MET E 39 18.51 75.97 61.13
CA CYS E 40 19.02 74.69 57.49
CA ASP E 41 22.71 73.62 57.12
CA ALA E 42 22.48 75.27 53.71
CA THR E 43 23.23 78.51 55.52
CA MET E 44 22.95 82.14 54.41
CA SER E 45 26.23 83.70 55.55
CA TYR E 46 26.78 87.48 55.33
CA GLU E 47 27.42 90.71 57.25
CA CYS E 48 25.05 93.69 57.77
CA PRO E 49 26.38 97.01 56.48
CA MET E 50 26.67 99.14 59.64
CA LEU E 51 24.52 102.09 60.44
CA ASP E 52 27.37 104.61 60.07
CA GLU E 53 26.98 108.19 58.75
CA GLY E 54 27.10 108.34 54.94
CA VAL E 55 28.24 104.72 54.64
CA GLU E 56 24.67 104.08 55.53
CA PRO E 57 21.58 101.90 55.12
CA ASP E 58 18.38 102.95 53.40
CA ASP E 59 17.07 99.87 51.60
CA VAL E 60 18.45 96.85 53.46
CA ASP E 61 16.58 95.02 56.21
CA CYS E 62 19.53 94.31 58.51
CA TRP E 63 21.96 96.81 60.04
CA CYS E 64 23.62 97.75 63.34
CA ASN E 65 24.26 101.11 65.07
CA THR E 66 28.03 100.89 64.53
CA THR E 67 30.49 97.97 64.16
CA SER E 68 30.01 95.75 61.08
CA THR E 69 28.98 92.17 62.07
CA TRP E 70 28.88 88.76 60.33
CA VAL E 71 25.37 87.30 60.31
CA VAL E 72 23.78 83.97 59.37
CA TYR E 73 19.95 84.27 59.31
CA GLY E 74 19.35 80.85 57.74
CA THR E 75 16.55 80.30 55.28
CA CYS E 76 14.64 77.02 56.03
CA HIS E 77 11.35 77.30 54.20
CA HIS E 78 11.83 73.61 54.12
CA LYS E 79 15.05 72.16 55.49
CA LYS E 80 16.35 71.64 51.91
CA GLY E 81 16.58 73.44 48.58
CA GLU E 82 13.60 74.33 46.42
CA ALA E 83 12.24 73.22 43.05
CA ARG E 84 11.36 75.88 40.45
CA ARG E 85 11.79 76.38 36.69
CA SER E 86 10.29 73.55 34.57
CA ARG E 87 12.53 70.85 33.44
CA ARG E 88 14.56 69.32 30.65
CA ALA E 89 12.97 69.72 27.21
CA VAL E 90 16.13 69.32 25.20
CA THR E 91 17.29 66.44 23.06
CA LEU E 92 16.02 64.28 20.17
CA PRO E 93 18.28 61.29 20.85
CA SER E 94 19.36 61.29 18.19
CA HIS E 95 19.26 61.95 14.42
CA SER E 96 18.40 60.40 11.04
CA THR E 97 21.25 57.97 11.74
CA ARG E 98 22.98 57.34 8.38
CA LYS E 99 23.15 53.57 7.46
CA LEU E 100 25.65 54.17 4.61
CA GLN E 101 25.21 51.00 2.52
CA THR E 102 23.28 51.01 -0.76
CA ARG E 103 21.76 47.98 -2.56
CA SER E 104 17.94 48.09 -3.10
CA GLN E 105 16.41 44.57 -3.53
CA THR E 106 12.61 44.48 -3.13
CA TRP E 107 12.54 40.63 -3.29
CA LEU E 108 9.07 39.17 -4.31
CA GLU E 109 7.41 35.72 -3.81
CA SER E 110 4.65 33.48 -5.32
CA ARG E 111 2.48 30.25 -5.13
CA GLU E 112 0.83 27.52 -7.31
CA TYR E 113 -2.75 26.32 -8.24
CA THR E 114 -4.88 23.14 -7.71
CA LYS E 115 -3.07 20.31 -5.95
CA HIS E 116 -3.21 17.82 -8.82
CA LEU E 117 -1.59 20.32 -11.15
CA ILE E 118 1.08 21.23 -8.60
CA ARG E 119 1.85 17.54 -8.03
CA VAL E 120 2.14 16.99 -11.78
CA GLU E 121 4.54 19.90 -12.08
CA ASN E 122 6.67 18.54 -9.26
CA TRP E 123 6.75 15.11 -10.89
CA ILE E 124 7.81 16.66 -14.19
CA PHE E 125 10.61 18.55 -12.45
CA ARG E 126 11.86 15.40 -10.67
CA ASN E 127 10.69 12.87 -13.30
CA PRO E 128 12.43 9.64 -14.07
CA GLY E 129 14.94 11.19 -16.38
CA PHE E 130 18.49 9.87 -16.98
CA ALA E 131 17.45 8.47 -20.37
CA LEU E 132 13.77 9.39 -20.32
CA ALA E 133 14.80 13.05 -20.45
CA ALA E 134 16.89 12.32 -23.54
CA ALA E 135 13.92 10.57 -25.13
CA ALA E 136 11.81 13.63 -24.33
CA ILE E 137 14.35 15.94 -25.96
CA ALA E 138 14.33 13.69 -29.01
CA TRP E 139 10.54 13.92 -29.13
CA LEU E 140 10.76 17.71 -28.84
CA LEU E 141 13.16 17.90 -31.79
CA GLY E 142 11.58 16.72 -35.03
CA SER E 143 9.06 18.76 -37.04
CA SER E 144 9.16 22.49 -37.74
CA THR E 145 9.17 24.08 -34.29
CA SER E 146 7.79 27.45 -35.47
CA GLN E 147 4.18 26.23 -35.44
CA LYS E 148 4.64 24.75 -32.01
CA VAL E 149 6.05 21.47 -33.30
CA ILE E 150 8.87 21.76 -30.78
CA TYR E 151 6.40 22.57 -28.04
CA LEU E 152 4.41 19.48 -29.00
CA VAL E 153 7.54 17.33 -28.84
CA MET E 154 8.30 18.75 -25.40
CA ILE E 155 4.75 17.98 -24.27
CA LEU E 156 5.18 14.44 -25.52
CA LEU E 157 8.41 14.04 -23.59
CA ILE E 158 6.59 15.32 -20.54
CA ALA E 159 3.72 12.83 -20.82
CA PRO E 160 6.14 9.86 -20.79
CA ALA E 161 8.23 11.44 -17.99
CA TYR E 162 5.11 11.90 -15.88
CA SER E 163 4.05 8.41 -16.95
CA ARG F 1 68.41 -105.90 12.87
CA GLY F 2 69.65 -107.93 9.90
CA SER F 3 70.73 -111.55 10.53
CA ALA F 4 74.29 -110.75 11.72
CA TYR F 5 74.82 -110.55 15.38
CA TYR F 6 72.28 -107.81 14.36
CA MET F 7 72.41 -105.38 17.25
CA TYR F 8 71.91 -101.60 17.31
CA LEU F 9 75.01 -99.47 17.84
CA ASP F 10 75.74 -95.88 18.83
CA ARG F 11 77.99 -94.37 21.50
CA ASN F 12 77.78 -97.59 23.53
CA ASP F 13 80.46 -99.59 21.73
CA ALA F 14 82.28 -96.84 19.84
CA GLY F 15 86.03 -97.30 19.43
CA GLU F 16 87.25 -100.35 21.37
CA ALA F 17 87.17 -104.16 21.24
CA ILE F 18 83.52 -105.28 21.01
CA SER F 19 83.02 -109.01 21.60
CA PHE F 20 80.01 -111.27 20.79
CA PRO F 21 79.96 -115.05 20.07
CA THR F 22 78.74 -116.52 16.77
CA THR F 23 78.57 -119.51 14.46
CA LEU F 24 82.09 -119.09 13.11
CA GLY F 25 83.54 -118.30 16.54
CA MET F 26 83.22 -114.97 18.29
CA ASN F 27 83.97 -111.48 17.28
CA LYS F 28 86.41 -109.35 19.19
CA CYS F 29 85.24 -106.59 17.09
CA TYR F 30 88.07 -104.08 17.18
CA ILE F 31 85.91 -101.00 16.62
CA GLN F 32 88.08 -97.94 16.09
CA ILE F 33 85.34 -95.70 14.65
CA MET F 34 84.22 -92.22 15.86
CA ASP F 35 83.74 -92.32 19.65
CA LEU F 36 80.55 -90.26 19.68
CA GLY F 37 76.94 -90.69 18.72
CA HIS F 38 74.12 -90.64 21.22
CA MET F 39 70.50 -91.49 20.22
CA CYS F 40 69.95 -89.38 16.98
CA ASP F 41 66.74 -90.41 15.15
CA ALA F 42 68.75 -89.66 11.99
CA THR F 43 70.43 -93.09 11.91
CA MET F 44 73.34 -94.16 9.62
CA SER F 45 73.79 -97.96 9.32
CA TYR F 46 76.71 -99.96 7.90
CA GLU F 47 78.65 -103.23 8.29
CA CYS F 48 81.84 -103.90 10.15
CA PRO F 49 83.67 -105.40 7.16
CA MET F 50 85.79 -107.83 9.19
CA LEU F 51 89.22 -108.78 10.42
CA ASP F 52 88.48 -112.46 9.58
CA GLU F 53 91.06 -113.99 7.35
CA GLY F 54 91.17 -112.55 3.82
CA VAL F 55 89.11 -109.38 4.35
CA GLU F 56 92.04 -107.92 6.21
CA PRO F 57 92.20 -104.75 8.32
CA ASP F 58 94.04 -102.56 5.86
CA ASP F 59 92.07 -99.33 5.49
CA VAL F 60 88.92 -100.27 7.40
CA ASP F 61 87.95 -98.65 10.71
CA CYS F 62 86.00 -101.62 12.12
CA TRP F 63 87.11 -105.25 12.19
CA CYS F 64 86.54 -108.45 14.11
CA ASN F 65 88.76 -111.50 14.71
CA THR F 66 86.02 -113.61 13.15
CA THR F 67 82.60 -112.83 11.63
CA SER F 68 81.78 -109.44 10.11
CA THR F 69 78.80 -107.81 11.83
CA TRP F 70 76.04 -105.48 10.60
CA VAL F 71 76.11 -102.23 12.48
CA VAL F 72 74.32 -98.88 13.07
CA TYR F 73 76.81 -96.47 14.79
CA GLY F 74 74.75 -93.34 15.45
CA THR F 75 76.48 -90.07 14.58
CA CYS F 76 74.96 -87.44 16.95
CA HIS F 77 76.99 -84.37 17.65
CA HIS F 78 73.45 -83.31 18.44
CA LYS F 79 70.27 -85.35 18.27
CA LYS F 80 69.43 -84.32 14.67
CA GLY F 81 70.68 -84.54 11.15
CA GLU F 82 73.33 -81.87 11.07
CA ALA F 83 72.74 -78.52 9.41
CA ARG F 84 74.77 -78.37 6.19
CA ARG F 85 74.92 -76.71 2.77
CA SER F 86 74.12 -72.96 2.55
CA ARG F 87 70.83 -71.26 2.01
CA ARG F 88 68.73 -71.11 -1.24
CA ALA F 89 70.28 -68.20 -3.12
CA VAL F 90 69.21 -68.03 -6.77
CA THR F 91 65.71 -67.05 -7.89
CA LEU F 92 64.31 -63.52 -7.82
CA PRO F 93 60.71 -62.93 -8.19
CA SER F 94 61.13 -62.52 -11.97
CA HIS F 95 58.73 -59.86 -13.22
CA SER F 96 58.99 -57.13 -10.54
CA THR F 97 58.07 -53.66 -11.91
CA ARG F 98 54.35 -53.09 -12.61
CA LYS F 99 51.76 -54.19 -15.21
CA LEU F 100 50.01 -52.04 -17.90
CA GLN F 101 48.51 -48.51 -18.10
CA THR F 102 51.33 -46.80 -20.05
CA ARG F 103 51.78 -43.86 -22.49
CA SER F 104 50.91 -40.24 -23.60
CA GLN F 105 51.64 -37.16 -21.37
CA THR F 106 52.06 -35.70 -17.85
CA TRP F 107 49.59 -32.68 -17.81
CA LEU F 108 51.40 -29.45 -16.60
CA GLU F 109 49.74 -26.89 -14.26
CA SER F 110 50.30 -23.13 -13.83
CA ARG F 111 49.95 -20.20 -11.37
CA GLU F 112 47.92 -16.98 -11.10
CA TYR F 113 49.96 -13.84 -10.11
CA THR F 114 48.11 -10.61 -9.26
CA LYS F 115 45.07 -11.65 -7.24
CA HIS F 116 42.97 -8.59 -8.04
CA LEU F 117 43.56 -9.12 -11.75
CA ILE F 118 42.69 -12.80 -11.41
CA ARG F 119 39.47 -11.92 -9.62
CA VAL F 120 38.56 -9.46 -12.35
CA GLU F 121 39.19 -12.03 -15.08
CA ASN F 122 37.08 -14.61 -13.23
CA TRP F 123 34.23 -12.13 -12.88
CA ILE F 124 34.46 -11.25 -16.57
CA PHE F 125 34.26 -14.92 -17.49
CA ARG F 126 31.27 -15.35 -15.17
CA ASN F 127 29.75 -12.11 -16.41
CA PRO F 128 26.47 -12.02 -18.20
CA GLY F 129 27.35 -12.60 -21.80
CA PHE F 130 24.62 -12.00 -24.39
CA ALA F 131 24.86 -8.18 -24.29
CA LEU F 132 28.32 -6.75 -23.60
CA ALA F 133 30.16 -9.25 -25.80
CA ALA F 134 27.91 -8.33 -28.73
CA ALA F 135 28.47 -4.64 -28.07
CA ALA F 136 32.22 -5.27 -28.06
CA ILE F 137 32.07 -7.15 -31.36
CA ALA F 138 30.13 -4.28 -32.89
CA TRP F 139 32.74 -1.81 -31.66
CA LEU F 140 35.50 -3.99 -33.09
CA LEU F 141 33.85 -4.15 -36.52
CA GLY F 142 33.94 -0.37 -37.07
CA SER F 143 37.66 -0.46 -36.39
CA SER F 144 39.97 -3.00 -37.98
CA THR F 145 39.84 -6.11 -35.82
CA SER F 146 43.39 -6.92 -36.85
CA GLN F 147 44.49 -3.37 -36.03
CA LYS F 148 43.40 -2.36 -32.50
CA VAL F 149 39.72 -3.43 -32.58
CA ILE F 150 39.88 -6.70 -30.65
CA TYR F 151 42.06 -5.21 -27.95
CA LEU F 152 39.74 -2.26 -27.62
CA VAL F 153 36.71 -4.50 -27.27
CA MET F 154 38.40 -6.65 -24.66
CA ILE F 155 39.47 -3.66 -22.62
CA LEU F 156 35.96 -2.30 -22.73
CA LEU F 157 34.31 -5.52 -21.60
CA ILE F 158 36.81 -5.76 -18.79
CA ALA F 159 36.23 -2.26 -17.44
CA PRO F 160 32.43 -2.71 -17.20
CA ALA F 161 32.78 -6.19 -15.68
CA TYR F 162 35.31 -5.08 -13.02
CA SER F 163 33.86 -1.71 -11.96
CA GLN G 1 -121.35 -32.45 -31.30
CA VAL G 2 -120.78 -34.86 -28.42
CA GLN G 3 -122.39 -37.82 -29.98
CA LEU G 4 -122.53 -41.59 -30.40
CA VAL G 5 -123.96 -43.53 -33.31
CA GLN G 6 -124.32 -47.26 -32.84
CA SER G 7 -124.68 -49.90 -35.50
CA GLY G 8 -128.05 -50.77 -36.96
CA ALA G 9 -130.73 -53.33 -36.19
CA GLU G 10 -129.81 -56.97 -36.75
CA VAL G 11 -130.48 -60.70 -36.26
CA LYS G 12 -127.77 -63.19 -35.42
CA LYS G 13 -127.64 -66.89 -34.71
CA PRO G 14 -126.21 -69.37 -32.17
CA GLY G 15 -122.43 -69.54 -32.37
CA ALA G 16 -122.13 -66.30 -34.31
CA SER G 17 -119.77 -63.33 -33.93
CA LEU G 18 -120.43 -59.80 -35.14
CA LYS G 19 -118.24 -56.73 -34.91
CA VAL G 20 -120.33 -53.93 -33.46
CA SER G 21 -119.48 -50.26 -33.94
CA CYS G 22 -119.68 -47.21 -31.66
CA LYS G 23 -118.59 -44.22 -33.75
CA ALA G 24 -118.35 -40.86 -32.05
CA SER G 25 -117.79 -37.12 -32.33
CA GLY G 26 -117.48 -34.00 -30.19
CA TYR G 27 -115.16 -35.30 -27.47
CA THR G 28 -111.66 -36.72 -27.34
CA PHE G 29 -112.19 -40.43 -27.91
CA THR G 30 -109.23 -41.61 -25.82
CA SER G 31 -109.85 -39.03 -23.09
CA TYR G 32 -113.42 -39.63 -21.99
CA GLY G 33 -115.10 -42.79 -20.85
CA LEU G 34 -117.30 -45.35 -22.54
CA SER G 35 -118.41 -48.97 -22.38
CA TRP G 36 -120.67 -51.43 -24.11
CA VAL G 37 -123.78 -52.20 -22.08
CA ARG G 38 -126.12 -54.99 -23.13
CA GLN G 39 -129.82 -54.39 -22.60
CA ALA G 40 -132.15 -57.11 -23.82
CA PRO G 41 -135.93 -57.07 -23.97
CA GLY G 42 -135.70 -59.98 -21.53
CA GLN G 43 -132.60 -58.86 -19.62
CA GLY G 44 -131.65 -55.56 -18.05
CA LEU G 45 -128.47 -53.56 -18.30
CA GLU G 46 -125.54 -55.93 -18.72
CA TRP G 47 -122.15 -54.27 -18.68
CA MET G 48 -120.55 -56.33 -21.44
CA GLY G 49 -117.11 -54.97 -20.69
CA TRP G 50 -115.14 -51.80 -21.04
CA ILE G 51 -112.14 -50.56 -23.01
CA THR G 52 -110.15 -47.39 -22.50
CA PRO G 53 -109.68 -46.11 -26.08
CA TYR G 54 -106.35 -44.84 -24.82
CA ASN G 55 -103.97 -47.83 -25.15
CA GLY G 56 -106.87 -50.21 -25.78
CA ASN G 57 -107.08 -50.85 -22.04
CA THR G 58 -109.86 -53.41 -21.80
CA LYS G 59 -111.85 -54.71 -18.87
CA TYR G 60 -114.51 -57.29 -19.67
CA THR G 61 -117.30 -59.06 -17.82
CA GLN G 62 -117.30 -62.73 -16.84
CA LYS G 63 -120.76 -63.44 -18.29
CA LEU G 64 -119.28 -62.76 -21.73
CA GLN G 65 -115.69 -63.76 -21.00
CA GLY G 66 -114.46 -65.63 -24.02
CA ARG G 67 -117.52 -64.23 -25.78
CA VAL G 68 -116.97 -60.45 -25.72
CA THR G 69 -114.03 -58.79 -27.48
CA MET G 70 -113.63 -55.04 -27.96
CA THR G 71 -111.29 -53.00 -30.13
CA THR G 72 -111.22 -49.27 -30.83
CA ASP G 73 -110.53 -47.54 -34.12
CA THR G 74 -109.59 -44.10 -32.81
CA SER G 75 -108.99 -42.92 -36.40
CA THR G 76 -112.76 -43.16 -36.75
CA SER G 77 -113.33 -42.89 -32.95
CA THR G 78 -115.18 -46.19 -33.14
CA VAL G 79 -115.30 -48.98 -30.57
CA TYR G 80 -115.49 -52.33 -32.30
CA MET G 81 -117.05 -54.84 -29.94
CA GLU G 82 -117.42 -58.44 -30.99
CA LEU G 83 -119.62 -60.82 -29.11
CA ARG G 84 -118.06 -64.04 -30.32
CA SER G 85 -120.21 -67.15 -29.74
CA LEU G 86 -123.59 -65.46 -29.91
CA ARG G 87 -126.67 -67.50 -28.97
CA SER G 88 -130.41 -67.16 -28.86
CA ASP G 89 -130.86 -65.39 -25.52
CA ASP G 90 -128.89 -62.43 -26.90
CA THR G 91 -131.86 -60.87 -28.61
CA ALA G 92 -130.98 -57.43 -27.29
CA VAL G 93 -130.91 -53.73 -27.98
CA TYR G 94 -127.22 -53.31 -27.17
CA TYR G 95 -125.85 -49.95 -26.02
CA CYS G 96 -122.55 -48.25 -26.24
CA ALA G 97 -122.71 -45.19 -24.06
CA ARG G 98 -120.54 -42.13 -23.63
CA ASP G 99 -119.08 -41.06 -20.30
CA SER G 100 -117.14 -37.98 -19.17
CA GLY G 101 -114.22 -37.96 -16.75
CA THR G 102 -114.59 -37.33 -13.05
CA TYR G 103 -112.57 -40.46 -11.98
CA ALA G 104 -115.88 -42.31 -12.45
CA PHE G 105 -117.77 -43.83 -15.36
CA TYR G 106 -121.40 -42.94 -15.94
CA PHE G 107 -123.33 -42.16 -19.02
CA ASP G 108 -124.22 -38.65 -20.22
CA TYR G 109 -124.05 -38.95 -24.01
CA TRP G 110 -125.58 -41.78 -25.92
CA GLY G 111 -125.85 -43.99 -28.91
CA GLN G 112 -129.20 -45.03 -30.32
CA GLY G 113 -129.18 -48.68 -29.33
CA THR G 114 -127.83 -51.67 -31.23
CA LEU G 115 -130.55 -54.17 -31.96
CA VAL G 116 -129.04 -57.53 -32.75
CA THR G 117 -131.94 -59.95 -32.25
CA VAL G 118 -129.75 -62.98 -31.67
CA SER G 119 -132.37 -65.68 -31.80
CA SER G 120 -133.54 -68.58 -33.92
CA SER H 1 -121.36 -58.70 -1.73
CA TYR H 2 -123.55 -55.66 -2.14
CA GLU H 3 -126.95 -56.39 -3.56
CA LEU H 4 -128.33 -53.21 -5.08
CA THR H 5 -131.51 -53.88 -3.13
CA GLN H 6 -133.63 -51.49 -5.15
CA PRO H 7 -137.23 -52.71 -5.14
CA LEU H 8 -138.76 -53.50 -8.49
CA SER H 9 -141.81 -51.27 -7.99
CA VAL H 10 -142.26 -48.09 -5.95
CA SER H 11 -145.66 -46.91 -7.16
CA VAL H 12 -146.39 -43.24 -6.54
CA ALA H 13 -148.59 -40.67 -8.24
CA LEU H 14 -147.82 -37.47 -10.11
CA GLY H 15 -146.65 -34.78 -7.75
CA GLN H 16 -145.92 -37.54 -5.23
CA THR H 17 -142.57 -38.47 -3.73
CA ALA H 18 -140.95 -41.60 -5.16
CA SER H 19 -138.83 -42.78 -2.21
CA ILE H 20 -136.53 -45.26 -3.92
CA THR H 21 -134.20 -47.29 -1.71
CA CYS H 22 -130.97 -49.13 -2.43
CA GLY H 23 -130.25 -51.26 0.64
CA GLY H 24 -127.88 -54.14 1.33
CA ASN H 25 -124.25 -54.84 2.32
CA ASN H 26 -122.18 -51.65 2.85
CA ILE H 27 -123.15 -49.11 0.22
CA GLY H 28 -121.60 -46.62 2.68
CA SER H 29 -118.33 -47.55 0.99
CA LYS H 30 -119.98 -47.22 -2.44
CA ASN H 31 -120.65 -44.18 -4.65
CA VAL H 32 -124.38 -44.27 -5.31
CA HIS H 33 -125.21 -43.48 -8.92
CA TRP H 34 -128.97 -43.14 -9.33
CA TYR H 35 -130.23 -43.39 -12.89
CA GLN H 36 -133.46 -42.01 -14.35
CA GLN H 37 -134.14 -44.73 -16.92
CA LYS H 38 -137.55 -45.15 -18.46
CA PRO H 39 -137.95 -48.84 -19.45
CA GLY H 40 -135.71 -49.31 -22.46
CA GLN H 41 -134.46 -45.70 -22.37
CA ALA H 42 -131.27 -44.16 -21.14
CA PRO H 43 -130.01 -44.14 -17.56
CA VAL H 44 -130.12 -40.45 -16.67
CA LEU H 45 -127.93 -39.83 -13.63
CA VAL H 46 -130.09 -38.03 -11.06
CA ILE H 47 -128.13 -38.70 -7.86
CA TYR H 48 -124.47 -39.63 -8.01
CA LYS H 49 -122.13 -40.55 -5.18
CA TYR H 50 -124.34 -40.85 -2.05
CA VAL H 51 -126.15 -37.49 -2.29
CA ASN H 52 -124.85 -35.43 -5.15
CA ARG H 53 -126.84 -34.18 -8.10
CA PRO H 54 -125.73 -33.52 -11.71
CA SER H 55 -126.25 -30.50 -13.93
CA GLY H 56 -129.52 -31.11 -15.75
CA ILE H 57 -131.28 -32.59 -12.71
CA PRO H 58 -133.74 -30.66 -10.53
CA GLU H 59 -133.66 -30.93 -6.73
CA ARG H 60 -136.95 -32.82 -7.06
CA PHE H 61 -134.79 -35.86 -7.86
CA SER H 62 -132.97 -36.06 -4.54
CA GLY H 63 -130.97 -38.73 -2.79
CA SER H 64 -129.41 -40.03 0.42
CA ASN H 65 -127.24 -42.82 1.74
CA SER H 66 -126.25 -44.00 5.20
CA GLY H 67 -124.22 -47.17 5.66
CA ASN H 68 -126.10 -50.21 4.40
CA THR H 69 -128.97 -48.43 2.61
CA ALA H 70 -129.12 -45.63 0.06
CA THR H 71 -132.35 -43.91 -0.92
CA LEU H 72 -133.36 -41.91 -4.01
CA THR H 73 -135.93 -39.43 -2.77
CA ILE H 74 -137.37 -38.40 -6.12
CA SER H 75 -139.81 -35.85 -4.76
CA ARG H 76 -142.97 -34.91 -6.70
CA ALA H 77 -142.51 -37.24 -9.66
CA GLN H 78 -144.61 -36.60 -12.76
CA ALA H 79 -146.46 -38.45 -15.48
CA GLY H 80 -143.50 -39.32 -17.69
CA ASP H 81 -141.62 -41.00 -14.84
CA GLU H 82 -142.81 -44.56 -15.51
CA ALA H 83 -139.41 -46.13 -15.35
CA ASP H 84 -136.83 -48.80 -14.73
CA TYR H 85 -134.62 -47.07 -12.16
CA TYR H 86 -131.13 -48.33 -11.32
CA CYS H 87 -128.84 -47.56 -8.41
CA GLN H 88 -125.22 -48.05 -9.45
CA VAL H 89 -122.13 -48.46 -7.25
CA TRP H 90 -118.39 -48.98 -7.60
CA ASP H 91 -116.34 -52.09 -6.93
CA SER H 92 -112.81 -52.00 -8.37
CA SER H 93 -114.02 -50.05 -11.44
CA THR H 94 -116.79 -52.54 -12.18
CA TYR H 95 -120.30 -51.45 -13.12
CA VAL H 96 -123.00 -53.04 -10.99
CA PHE H 97 -126.45 -52.10 -12.33
CA GLY H 98 -129.46 -52.14 -10.04
CA THR H 99 -132.31 -54.56 -9.60
CA GLY H 100 -134.67 -52.32 -11.56
CA THR H 101 -137.60 -50.25 -10.29
CA LYS H 102 -141.03 -49.72 -11.78
CA VAL H 103 -141.80 -46.35 -10.32
CA THR H 104 -145.02 -46.31 -12.31
CA VAL H 105 -146.53 -42.91 -11.84
CA LEU H 106 -150.23 -43.43 -11.18
CA PRO I 21 19.63 -3.83 -45.67
CA PHE I 22 22.41 -3.50 -48.26
CA GLY I 23 23.77 0.04 -48.17
CA GLY I 24 20.99 2.53 -47.48
CA LEU I 25 22.38 4.26 -44.43
CA LYS I 26 19.70 6.54 -42.98
CA ARG I 27 22.52 8.94 -42.17
CA LEU I 28 26.26 8.81 -42.82
CA PRO I 29 27.78 6.66 -40.01
CA ALA I 30 28.08 9.02 -37.01
CA GLY I 31 25.73 11.54 -38.60
CA LEU I 32 26.85 13.41 -41.68
CA LEU I 33 28.68 15.92 -39.50
CA LEU I 34 30.38 13.22 -37.41
CA GLY I 35 30.99 10.51 -39.99
CA HIS I 36 31.07 11.34 -43.69
CA GLY I 37 33.92 11.24 -46.26
CA PRO I 38 34.49 8.26 -48.57
CA ILE I 39 34.71 8.96 -52.29
CA ARG I 40 30.96 8.83 -52.84
CA MET I 41 28.65 9.54 -49.91
CA VAL I 42 30.29 12.91 -49.34
CA LEU I 43 30.02 13.77 -53.01
CA ALA I 44 26.34 12.86 -53.04
CA ILE I 45 25.58 14.93 -49.95
CA LEU I 46 27.37 17.94 -51.42
CA ALA I 47 25.39 17.61 -54.64
CA PHE I 48 22.13 17.37 -52.69
CA LEU I 49 23.06 20.46 -50.68
CA ARG I 50 23.94 22.53 -53.77
CA PHE I 51 20.79 22.21 -55.98
CA THR I 52 18.34 24.78 -54.58
CA ALA I 53 21.12 27.43 -54.43
CA ILE I 54 22.13 26.16 -51.00
CA LYS I 55 25.93 26.95 -50.99
CA PRO I 56 27.52 23.70 -49.60
CA SER I 57 29.86 23.09 -46.63
CA LEU I 58 33.49 24.32 -46.43
CA GLY I 59 34.82 20.74 -46.84
CA LEU I 60 32.55 20.11 -49.88
CA ILE I 61 33.60 23.49 -51.41
CA ASN I 62 37.29 22.56 -50.81
CA ARG I 63 36.70 19.18 -52.56
CA TRP I 64 35.06 20.99 -55.53
CA GLY I 65 38.07 23.36 -55.76
CA SER I 66 40.50 20.38 -55.58
CA VAL I 67 38.56 18.52 -58.34
CA GLY I 68 37.14 20.05 -61.59
CA LYS I 69 33.60 18.83 -60.80
CA LYS I 70 35.21 15.79 -59.01
CA GLU I 71 32.48 15.71 -56.34
CA ALA I 72 30.58 16.53 -59.54
CA MET I 73 32.16 13.61 -61.39
CA GLU I 74 31.05 11.30 -58.60
CA ILE I 75 27.63 13.00 -58.63
CA ILE I 76 26.98 12.72 -62.38
CA LYS I 77 27.77 9.00 -62.17
CA LYS I 78 25.67 8.90 -59.01
CA PHE I 79 23.04 10.91 -60.86
CA LYS I 80 23.52 9.83 -64.53
CA LYS I 81 22.50 6.10 -64.29
CA ASP I 82 19.37 7.06 -62.36
CA LEU I 83 18.38 9.47 -65.13
CA ALA I 84 18.86 6.72 -67.69
CA ALA I 85 16.70 4.39 -65.61
CA MET I 86 13.98 7.04 -65.42
CA LEU I 87 14.12 7.46 -69.19
CA ARG I 88 13.75 3.68 -69.60
CA ILE I 89 10.60 3.76 -67.46
CA ILE I 90 9.04 6.02 -70.22
CA ASN I 91 10.49 4.25 -73.36
CA ALA I 92 9.46 0.75 -72.11
CA ARG I 93 9.79 -1.40 -68.96
CA LYS I 94 13.56 -2.16 -68.60
CA GLU I 95 14.76 -5.13 -66.54
CA LYS I 96 17.32 -2.84 -64.87
CA LYS I 97 20.05 -3.84 -67.39
CA ARG I 98 19.76 -7.52 -66.37
CA ARG I 99 20.74 -6.73 -62.75
CA GLY I 100 24.18 -5.47 -63.80
CA ALA I 101 26.77 -6.87 -66.20
CA ASP I 102 30.30 -8.26 -65.97
CA THR I 103 33.14 -8.60 -68.47
CA SER I 104 33.89 -11.31 -71.03
CA VAL I 105 32.98 -14.03 -68.55
CA GLY I 106 29.67 -12.39 -67.73
CA ILE I 107 28.84 -11.95 -71.40
CA VAL I 108 29.59 -15.61 -72.16
CA GLY I 109 27.48 -16.71 -69.21
CA LEU I 110 24.48 -14.63 -70.29
CA LEU I 111 24.79 -15.89 -73.87
CA LEU I 112 24.86 -19.54 -72.82
CA THR I 113 21.93 -19.07 -70.41
CA THR I 114 19.89 -17.45 -73.18
CA ALA I 115 20.83 -20.24 -75.58
CA MET I 116 19.89 -22.86 -72.97
CA PRO J 21 26.58 21.40 -36.55
CA PHE J 22 29.16 22.45 -39.27
CA GLY J 23 26.60 21.63 -41.96
CA GLY J 24 22.91 22.45 -42.00
CA LEU J 25 22.29 18.73 -41.46
CA LYS J 26 23.58 16.52 -38.63
CA ARG J 27 21.64 13.46 -39.91
CA LEU J 28 18.82 12.71 -42.34
CA PRO J 29 15.41 13.73 -40.94
CA ALA J 30 13.43 10.93 -39.37
CA GLY J 31 11.48 8.86 -41.86
CA LEU J 32 13.32 10.11 -44.95
CA LEU J 33 14.85 6.65 -45.38
CA LEU J 34 11.26 5.43 -45.07
CA GLY J 35 10.30 7.93 -47.76
CA HIS J 36 8.87 10.65 -45.53
CA GLY J 37 9.78 14.16 -46.73
CA PRO J 38 9.27 16.32 -49.79
CA ILE J 39 9.94 15.10 -53.33
CA ARG J 40 13.08 17.25 -53.22
CA MET J 41 13.99 15.35 -50.07
CA VAL J 42 12.52 11.91 -50.59
CA LEU J 43 13.28 12.10 -54.31
CA ALA J 44 16.70 13.55 -53.61
CA ILE J 45 17.43 10.74 -51.16
CA LEU J 46 16.35 8.15 -53.73
CA ALA J 47 18.62 9.74 -56.32
CA PHE J 48 21.51 9.74 -53.87
CA LEU J 49 20.90 6.08 -53.07
CA ARG J 50 20.88 5.23 -56.76
CA PHE J 51 24.17 7.06 -57.25
CA THR J 52 25.75 5.43 -54.20
CA ALA J 53 23.47 2.45 -53.61
CA ILE J 54 21.80 3.12 -50.24
CA LYS J 55 19.41 0.25 -49.62
CA PRO J 56 16.00 -0.26 -47.97
CA SER J 57 16.34 -1.57 -44.44
CA LEU J 58 12.78 -2.78 -44.81
CA GLY J 59 9.92 -0.29 -45.00
CA LEU J 60 12.03 2.81 -45.67
CA ILE J 61 13.00 1.50 -49.14
CA ASN J 62 9.40 0.58 -49.82
CA ARG J 63 8.34 4.20 -48.96
CA TRP J 64 11.14 5.58 -51.16
CA GLY J 65 9.97 4.45 -54.63
CA SER J 66 6.94 6.58 -55.50
CA VAL J 67 7.91 7.99 -58.95
CA GLY J 68 5.22 9.05 -61.46
CA LYS J 69 4.60 8.27 -65.12
CA LYS J 70 4.09 11.65 -66.91
CA GLU J 71 4.72 13.60 -63.65
CA ALA J 72 7.80 11.44 -62.87
CA MET J 73 9.20 12.07 -66.40
CA GLU J 74 8.56 15.87 -65.99
CA ILE J 75 10.17 16.02 -62.46
CA ILE J 76 13.82 15.56 -63.55
CA LYS J 77 13.68 19.16 -64.75
CA LYS J 78 12.76 20.27 -61.23
CA PHE J 79 15.35 17.75 -60.02
CA LYS J 80 17.51 18.73 -62.99
CA LYS J 81 17.57 22.36 -61.88
CA ASP J 82 18.74 21.18 -58.45
CA LEU J 83 21.17 18.83 -60.19
CA ALA J 84 22.52 21.71 -62.26
CA ALA J 85 22.98 23.75 -59.09
CA MET J 86 25.28 21.06 -57.66
CA LEU J 87 27.49 21.24 -60.77
CA ARG J 88 27.62 25.02 -60.43
CA ILE J 89 27.96 24.43 -56.71
CA ILE J 90 31.43 22.66 -56.92
CA ASN J 91 33.85 25.21 -55.41
CA ALA J 92 30.32 26.57 -55.55
CA ARG J 93 29.47 30.22 -56.19
CA LYS J 94 30.01 33.08 -53.64
CA GLU J 95 33.82 32.82 -53.36
CA LYS J 96 36.27 35.69 -53.74
CA LYS J 97 34.56 38.17 -51.43
CA ARG J 98 35.39 36.10 -48.35
CA ARG J 99 38.95 35.39 -49.54
CA GLY J 100 39.34 38.01 -52.29
CA ALA J 101 39.58 35.43 -55.09
CA ASP J 102 41.45 32.42 -56.38
CA THR J 103 42.89 35.26 -58.64
CA SER J 104 46.11 35.28 -56.70
CA VAL J 105 45.91 36.27 -52.98
CA GLY J 106 43.57 33.29 -52.37
CA ILE J 107 46.00 30.90 -54.15
CA VAL J 108 48.88 32.30 -51.99
CA GLY J 109 46.73 31.68 -48.87
CA LEU J 110 46.00 28.09 -49.96
CA LEU J 111 49.76 27.52 -50.53
CA LEU J 112 50.49 28.91 -47.01
CA THR J 113 47.85 26.56 -45.48
CA THR J 114 49.36 23.54 -47.34
CA ALA J 115 52.87 24.57 -46.09
CA MET J 116 51.51 24.83 -42.48
CA GLN K 1 42.28 122.17 40.44
CA VAL K 2 40.05 120.99 43.28
CA GLN K 3 37.90 124.03 43.45
CA LEU K 4 34.50 125.55 44.14
CA VAL K 5 33.13 128.82 42.81
CA GLN K 6 29.91 130.04 44.37
CA SER K 7 27.47 132.55 42.94
CA GLY K 8 27.96 136.26 43.46
CA ALA K 9 26.77 138.80 45.99
CA GLU K 10 23.04 139.52 46.06
CA VAL K 11 19.95 140.98 47.75
CA LYS K 12 16.64 139.18 47.91
CA LYS K 13 13.26 139.89 49.42
CA PRO K 14 10.58 138.23 51.60
CA GLY K 15 8.86 135.39 49.77
CA ALA K 16 11.58 135.12 47.13
CA SER K 17 13.34 132.11 45.60
CA LEU K 18 16.74 132.14 43.95
CA LYS K 19 18.67 129.30 42.34
CA VAL K 20 22.17 129.33 43.78
CA SER K 21 25.14 127.73 42.02
CA CYS K 22 28.14 125.73 43.26
CA LYS K 23 30.28 125.00 40.19
CA ALA K 24 33.35 122.86 40.67
CA SER K 25 36.52 121.38 39.19
CA GLY K 26 39.36 119.02 40.05
CA TYR K 27 37.42 116.18 41.66
CA THR K 28 34.70 113.79 40.57
CA PHE K 29 31.50 115.69 41.30
CA THR K 30 29.37 112.63 42.06
CA SER K 31 32.14 110.88 43.98
CA TYR K 32 33.12 113.34 46.71
CA GLY K 33 31.00 115.08 49.24
CA LEU K 34 29.45 118.53 49.48
CA SER K 35 26.61 120.47 51.06
CA TRP K 36 25.19 123.95 51.25
CA VAL K 37 25.88 125.62 54.60
CA ARG K 38 24.24 128.91 55.49
CA GLN K 39 26.31 131.38 57.45
CA ALA K 40 24.72 134.73 58.19
CA PRO K 41 26.28 137.79 59.75
CA GLY K 42 23.69 137.27 62.49
CA GLN K 43 23.57 133.47 62.42
CA GLY K 44 26.30 130.84 62.47
CA LEU K 45 26.81 127.82 60.30
CA GLU K 46 23.42 126.45 59.24
CA TRP K 47 23.55 123.22 57.31
CA MET K 48 20.84 124.03 54.77
CA GLY K 49 20.74 120.48 53.50
CA TRP K 50 22.80 118.08 51.48
CA ILE K 51 22.57 116.32 48.12
CA THR K 52 24.68 113.48 46.82
CA PRO K 53 25.43 114.56 43.22
CA TYR K 54 25.31 110.85 42.46
CA ASN K 55 21.59 110.08 41.89
CA GLY K 56 20.56 113.47 43.28
CA ASN K 57 20.31 111.90 46.73
CA THR K 58 19.13 114.81 48.87
CA LYS K 59 18.95 115.27 52.61
CA TYR K 60 17.63 118.62 53.80
CA THR K 61 17.26 120.45 57.10
CA GLN K 62 13.99 121.10 58.90
CA LYS K 63 14.67 124.83 59.42
CA LEU K 64 14.46 125.23 55.64
CA GLN K 65 12.14 122.32 54.90
CA GLY K 66 9.73 123.49 52.25
CA ARG K 67 12.13 126.39 51.78
CA VAL K 68 15.36 124.72 50.58
CA THR K 69 15.56 122.77 47.31
CA MET K 70 18.79 121.51 45.75
CA THR K 71 19.54 120.12 42.30
CA THR K 72 22.87 119.24 40.70
CA ASP K 73 23.96 119.85 37.13
CA THR K 74 26.78 117.33 36.91
CA SER K 75 27.38 118.33 33.27
CA THR K 76 28.68 121.59 34.74
CA SER K 77 29.40 119.99 38.16
CA THR K 78 27.13 122.60 39.70
CA VAL K 79 24.81 122.26 42.69
CA TYR K 80 21.72 124.38 42.17
CA MET K 81 20.23 125.19 45.55
CA GLU K 82 17.03 127.17 45.76
CA LEU K 83 15.88 128.69 48.99
CA ARG K 84 12.23 129.11 48.10
CA SER K 85 10.31 131.51 50.37
CA LEU K 86 13.23 133.74 51.32
CA ARG K 87 12.68 136.35 54.04
CA SER K 88 14.52 139.16 55.73
CA ASP K 89 16.54 137.22 58.32
CA ASP K 90 18.34 135.42 55.48
CA THR K 91 20.85 138.17 54.95
CA ALA K 92 23.71 135.69 54.78
CA VAL K 93 27.02 134.82 53.19
CA TYR K 94 25.95 131.33 52.11
CA TYR K 95 28.51 128.58 51.58
CA CYS K 96 28.71 125.53 49.45
CA ALA K 97 31.70 123.56 50.58
CA ARG K 98 33.65 120.64 49.16
CA ASP K 99 34.23 117.41 51.07
CA SER K 100 36.32 114.31 50.35
CA GLY K 101 35.31 110.74 51.09
CA THR K 102 36.27 108.91 54.24
CA TYR K 103 32.68 107.75 55.07
CA ALA K 104 32.31 111.20 56.64
CA PHE K 105 31.50 114.70 55.42
CA TYR K 106 33.75 117.60 56.32
CA PHE K 107 35.05 120.48 54.35
CA ASP K 108 38.53 120.69 52.82
CA TYR K 109 37.94 122.60 49.58
CA TRP K 110 35.86 125.71 49.40
CA GLY K 111 33.76 128.20 47.55
CA GLN K 112 34.10 131.89 48.13
CA GLY K 113 30.82 132.54 49.92
CA THR K 114 27.43 133.40 48.47
CA LEU K 115 26.21 136.73 49.74
CA VAL K 116 22.48 137.01 49.26
CA THR K 117 21.48 139.83 51.63
CA VAL K 118 17.87 138.75 51.94
CA SER K 119 16.48 141.76 53.73
CA SER K 120 14.18 144.71 53.21
CA SER L 1 20.30 115.22 72.56
CA TYR L 2 23.93 116.20 72.40
CA GLU L 3 24.56 119.87 72.92
CA LEU L 4 27.93 120.73 71.40
CA THR L 5 28.74 122.47 74.69
CA GLN L 6 31.64 124.44 73.28
CA PRO L 7 32.01 127.68 75.24
CA LEU L 8 31.69 130.88 73.28
CA SER L 9 35.00 132.32 74.50
CA VAL L 10 38.20 130.62 75.62
CA SER L 11 40.59 133.57 75.81
CA VAL L 12 44.28 132.66 75.69
CA ALA L 13 47.39 134.47 74.56
CA LEU L 14 49.87 133.81 71.78
CA GLY L 15 52.01 130.81 72.56
CA GLN L 16 49.36 129.80 75.11
CA THR L 17 47.23 126.65 75.11
CA ALA L 18 43.64 127.10 73.99
CA SER L 19 41.89 124.27 75.85
CA ILE L 20 38.58 124.12 74.02
CA THR L 21 35.93 121.77 75.38
CA CYS L 22 32.89 120.17 73.79
CA GLY L 23 30.85 118.67 76.64
CA GLY L 24 27.31 117.35 76.92
CA ASN L 25 25.25 114.18 76.32
CA ASN L 26 27.36 111.26 74.98
CA ILE L 27 29.89 112.58 72.52
CA GLY L 28 31.68 109.28 73.25
CA SER L 29 29.40 107.85 70.59
CA LYS L 30 30.15 110.84 68.32
CA ASN L 31 33.05 111.55 65.94
CA VAL L 32 34.45 114.89 67.09
CA HIS L 33 35.27 117.16 64.16
CA TRP L 34 37.08 120.24 65.42
CA TYR L 35 37.13 123.17 63.02
CA GLN L 36 39.61 126.05 62.88
CA GLN L 37 37.25 128.79 61.71
CA LYS L 38 38.15 132.43 62.05
CA PRO L 39 34.89 134.44 62.35
CA GLY L 40 33.34 134.35 58.89
CA GLN L 41 36.14 132.19 57.46
CA ALA L 42 36.31 128.51 56.66
CA PRO L 43 36.06 125.65 59.14
CA VAL L 44 39.52 124.09 58.98
CA LEU L 45 39.39 120.60 60.42
CA VAL L 46 42.07 120.41 63.11
CA ILE L 47 40.88 117.40 65.13
CA TYR L 48 38.53 114.87 63.60
CA LYS L 49 36.93 111.84 65.21
CA TYR L 50 37.75 112.06 68.94
CA VAL L 51 41.53 112.55 68.68
CA ASN L 52 42.69 112.35 65.12
CA ARG L 53 44.45 115.06 63.16
CA PRO L 54 44.37 115.84 59.41
CA SER L 55 47.18 116.44 56.96
CA GLY L 56 47.85 120.17 57.04
CA ILE L 57 47.40 120.48 60.82
CA PRO L 58 50.31 120.68 63.29
CA GLU L 59 50.28 118.74 66.56
CA ARG L 60 49.87 122.12 68.26
CA PHE L 61 46.18 121.79 67.40
CA SER L 62 45.48 118.69 69.45
CA GLY L 63 42.33 117.04 70.76
CA SER L 64 40.72 114.56 73.12
CA ASN L 65 37.38 113.03 74.01
CA SER L 66 36.13 110.83 76.83
CA GLY L 67 32.45 110.00 77.13
CA ASN L 68 30.36 113.10 77.69
CA THR L 69 33.04 115.75 77.00
CA ALA L 70 35.47 116.29 74.16
CA THR L 71 38.31 118.82 74.33
CA LEU L 72 40.33 120.58 71.63
CA THR L 73 43.72 121.19 73.20
CA ILE L 74 45.02 123.74 70.72
CA SER L 75 48.44 124.16 72.29
CA ARG L 76 50.45 127.38 71.83
CA ALA L 77 47.95 129.29 69.71
CA GLN L 78 49.18 132.35 67.84
CA ALA L 79 48.08 135.83 66.85
CA GLY L 80 45.94 134.89 63.86
CA ASP L 81 43.83 132.46 65.87
CA GLU L 82 41.03 134.88 66.77
CA ALA L 83 38.22 132.61 65.80
CA ASP L 84 34.77 131.09 65.86
CA TYR L 85 35.62 127.44 66.60
CA TYR L 86 33.11 124.65 66.07
CA CYS L 87 33.06 121.08 67.31
CA GLN L 88 31.07 118.89 64.92
CA VAL L 89 29.58 115.43 65.52
CA TRP L 90 27.57 112.80 63.66
CA ASP L 91 23.93 111.83 64.13
CA SER L 92 22.48 109.74 61.29
CA SER L 93 24.57 111.67 58.69
CA THR L 94 23.37 115.05 59.97
CA TYR L 95 25.74 117.97 60.48
CA VAL L 96 25.52 119.52 63.92
CA PHE L 97 27.70 122.64 64.09
CA GLY L 98 29.03 123.86 67.41
CA THR L 99 28.02 126.67 69.71
CA GLY L 100 30.91 128.84 68.50
CA THR L 101 34.06 129.86 70.36
CA LYS L 102 35.85 133.19 70.51
CA VAL L 103 39.33 131.96 71.22
CA THR L 104 40.54 135.54 70.96
CA VAL L 105 44.28 135.41 71.16
CA LEU L 106 45.35 138.17 73.52
#